data_3HX6
#
_entry.id   3HX6
#
_cell.length_a   64.000
_cell.length_b   108.000
_cell.length_c   159.000
_cell.angle_alpha   90.00
_cell.angle_beta   90.00
_cell.angle_gamma   90.00
#
_symmetry.space_group_name_H-M   'P 21 21 21'
#
loop_
_entity.id
_entity.type
_entity.pdbx_description
1 polymer 'Type 4 fimbrial biogenesis protein PilY1'
2 non-polymer 'CALCIUM ION'
3 water water
#
_entity_poly.entity_id   1
_entity_poly.type   'polypeptide(L)'
_entity_poly.pdbx_seq_one_letter_code
;MGSSHHHHHHSSGLVPRGSHMVAFLRGDRRKENSDNFRTRNSILGDIINSSPATVGKAQYLTYLAQPIEPSGNYSTFAEA
QKTRAPRVYVGANDGMLHGFDTDGNETFAFIPSAVFEKMHKLTARGYQGGAHQFYVDGSPVVADAFFGGAWHTVLIGSLR
AGGKGLFALDVTDPANIKLLWEIGVDQEPDLGYSFPKPTVARLHNGKWAVVTGNGYSSMNDKAALLIIDMETGAITRKLE
VTGRTGVPNGLSSPRLADNNSDGVADYAYAGDLQGNLWRFDLIAGKVNQDDPFSRANDGPAVASSFRVSFGGQPLYSAVD
SAGAAQAITAAPSLVRHPTRKGYIVIFGTGKYFENADARADTSRAQTLYGIWDQQTKGEAAGSTPRLTRGNLQQQTLDLQ
ADSTFASTARTIRIASQNPVNWLNNDGSTKQSGWYLDFMVNGTLKGEMLIEDMIAIGQVVLLQTITPNDDPCADGASNWT
YGLDPYTGGRTSFTVFDLARQGVVDSKSDYSYNKQNVAVSGTEQKGLGGLTLSTNEQGNPEVCSSGECLTVNPGPNTRGR
QNWRPIEGKN
;
_entity_poly.pdbx_strand_id   A,B
#
loop_
_chem_comp.id
_chem_comp.type
_chem_comp.name
_chem_comp.formula
CA non-polymer 'CALCIUM ION' 'Ca 2'
#
# COMPACT_ATOMS: atom_id res chain seq x y z
N SER A 51 5.42 -20.27 1.28
CA SER A 51 4.71 -19.14 1.97
C SER A 51 4.80 -17.86 1.15
N PRO A 52 6.03 -17.39 0.84
CA PRO A 52 6.16 -16.16 0.05
C PRO A 52 5.61 -16.38 -1.36
N ALA A 53 5.11 -17.58 -1.61
CA ALA A 53 4.57 -17.93 -2.92
C ALA A 53 3.05 -17.86 -2.94
N THR A 54 2.52 -16.64 -2.92
CA THR A 54 1.08 -16.45 -2.96
C THR A 54 0.66 -15.95 -4.34
N VAL A 55 -0.45 -16.48 -4.84
CA VAL A 55 -0.95 -16.09 -6.16
C VAL A 55 -2.34 -15.46 -6.08
N GLY A 56 -2.37 -14.13 -6.13
CA GLY A 56 -3.63 -13.42 -6.09
C GLY A 56 -3.77 -12.52 -7.31
N LYS A 57 -3.32 -11.28 -7.19
CA LYS A 57 -3.38 -10.32 -8.28
C LYS A 57 -2.20 -10.45 -9.24
N ALA A 58 -2.26 -9.73 -10.34
CA ALA A 58 -1.19 -9.75 -11.33
C ALA A 58 0.05 -9.25 -10.59
N GLN A 59 1.20 -9.80 -10.94
CA GLN A 59 2.44 -9.44 -10.28
C GLN A 59 2.99 -8.06 -10.64
N TYR A 60 2.81 -7.63 -11.88
CA TYR A 60 3.36 -6.36 -12.32
C TYR A 60 2.34 -5.26 -12.55
N LEU A 61 2.85 -4.06 -12.76
CA LEU A 61 2.03 -2.91 -13.06
C LEU A 61 2.03 -2.88 -14.58
N THR A 62 0.86 -2.69 -15.17
CA THR A 62 0.73 -2.68 -16.61
C THR A 62 1.74 -1.81 -17.36
N TYR A 63 2.02 -0.61 -16.87
CA TYR A 63 2.96 0.24 -17.59
C TYR A 63 4.36 -0.35 -17.68
N LEU A 64 4.63 -1.35 -16.85
CA LEU A 64 5.95 -1.99 -16.85
C LEU A 64 5.96 -3.29 -17.65
N ALA A 65 4.88 -4.07 -17.53
CA ALA A 65 4.79 -5.36 -18.22
C ALA A 65 4.37 -5.26 -19.69
N GLN A 66 3.40 -4.40 -19.99
CA GLN A 66 2.91 -4.27 -21.35
C GLN A 66 3.98 -3.99 -22.40
N PRO A 67 4.91 -3.05 -22.13
CA PRO A 67 5.95 -2.75 -23.12
C PRO A 67 6.85 -3.96 -23.39
N ILE A 68 6.94 -4.87 -22.42
CA ILE A 68 7.76 -6.06 -22.59
C ILE A 68 7.18 -6.98 -23.67
N GLU A 69 5.85 -7.05 -23.72
CA GLU A 69 5.18 -7.91 -24.70
C GLU A 69 4.09 -7.19 -25.49
N PRO A 70 4.47 -6.51 -26.58
CA PRO A 70 3.53 -5.78 -27.42
C PRO A 70 2.43 -6.66 -27.98
N SER A 71 2.72 -7.94 -28.17
CA SER A 71 1.73 -8.86 -28.73
C SER A 71 0.70 -9.30 -27.70
N GLY A 72 0.87 -8.88 -26.45
CA GLY A 72 -0.08 -9.26 -25.43
C GLY A 72 -0.81 -8.05 -24.86
N ASN A 73 -1.70 -8.29 -23.90
CA ASN A 73 -2.44 -7.21 -23.26
C ASN A 73 -2.42 -7.46 -21.76
N TYR A 74 -1.46 -6.85 -21.06
CA TYR A 74 -1.36 -7.07 -19.62
C TYR A 74 -2.53 -6.50 -18.83
N SER A 75 -3.04 -5.35 -19.24
CA SER A 75 -4.16 -4.74 -18.52
C SER A 75 -5.34 -5.69 -18.42
N THR A 76 -5.65 -6.41 -19.51
CA THR A 76 -6.78 -7.34 -19.49
C THR A 76 -6.43 -8.56 -18.63
N PHE A 77 -5.14 -8.92 -18.58
CA PHE A 77 -4.71 -10.04 -17.76
C PHE A 77 -4.82 -9.62 -16.31
N ALA A 78 -4.35 -8.41 -16.01
CA ALA A 78 -4.38 -7.88 -14.65
C ALA A 78 -5.83 -7.82 -14.17
N GLU A 79 -6.70 -7.28 -15.02
CA GLU A 79 -8.11 -7.16 -14.68
C GLU A 79 -8.70 -8.52 -14.32
N ALA A 80 -8.38 -9.52 -15.12
CA ALA A 80 -8.88 -10.87 -14.88
C ALA A 80 -8.44 -11.40 -13.52
N GLN A 81 -7.19 -11.14 -13.15
CA GLN A 81 -6.66 -11.62 -11.90
C GLN A 81 -7.13 -10.85 -10.67
N LYS A 82 -7.82 -9.74 -10.88
CA LYS A 82 -8.33 -8.95 -9.76
C LYS A 82 -9.33 -9.81 -9.00
N THR A 83 -10.00 -10.68 -9.73
CA THR A 83 -11.02 -11.57 -9.16
C THR A 83 -10.55 -13.01 -8.99
N ARG A 84 -9.26 -13.25 -9.18
CA ARG A 84 -8.72 -14.61 -9.04
C ARG A 84 -8.71 -15.06 -7.58
N ALA A 85 -9.13 -16.29 -7.34
CA ALA A 85 -9.17 -16.85 -5.98
C ALA A 85 -7.73 -17.02 -5.48
N PRO A 86 -7.36 -16.28 -4.43
CA PRO A 86 -6.02 -16.34 -3.84
C PRO A 86 -5.58 -17.75 -3.43
N ARG A 87 -4.30 -18.02 -3.62
CA ARG A 87 -3.72 -19.32 -3.26
C ARG A 87 -2.29 -19.13 -2.80
N VAL A 88 -1.89 -19.92 -1.81
CA VAL A 88 -0.54 -19.86 -1.29
C VAL A 88 0.03 -21.26 -1.37
N TYR A 89 1.09 -21.40 -2.16
CA TYR A 89 1.72 -22.70 -2.34
C TYR A 89 2.92 -22.82 -1.43
N VAL A 90 2.96 -23.91 -0.67
CA VAL A 90 4.04 -24.16 0.27
C VAL A 90 4.80 -25.41 -0.14
N GLY A 91 6.11 -25.39 0.09
CA GLY A 91 6.92 -26.55 -0.24
C GLY A 91 6.90 -27.52 0.91
N ALA A 92 7.07 -28.81 0.61
CA ALA A 92 7.08 -29.83 1.65
C ALA A 92 8.43 -30.54 1.67
N ASN A 93 8.50 -31.64 2.40
CA ASN A 93 9.74 -32.43 2.52
C ASN A 93 10.49 -32.52 1.19
N ASP A 94 9.91 -33.24 0.23
CA ASP A 94 10.52 -33.41 -1.07
C ASP A 94 10.04 -32.29 -2.00
N GLY A 95 9.79 -32.62 -3.25
CA GLY A 95 9.33 -31.62 -4.19
C GLY A 95 7.82 -31.46 -4.12
N MET A 96 7.20 -32.03 -3.10
CA MET A 96 5.76 -31.95 -2.94
C MET A 96 5.25 -30.52 -2.74
N LEU A 97 4.19 -30.19 -3.46
CA LEU A 97 3.57 -28.88 -3.38
C LEU A 97 2.14 -29.00 -2.89
N HIS A 98 1.79 -28.19 -1.90
CA HIS A 98 0.44 -28.20 -1.35
C HIS A 98 -0.17 -26.82 -1.49
N GLY A 99 -0.99 -26.65 -2.52
CA GLY A 99 -1.65 -25.37 -2.75
C GLY A 99 -2.87 -25.20 -1.90
N PHE A 100 -2.86 -24.19 -1.04
CA PHE A 100 -3.99 -23.92 -0.16
C PHE A 100 -3.67 -22.73 0.74
N ASP A 101 -4.69 -21.93 1.04
CA ASP A 101 -4.52 -20.78 1.92
C ASP A 101 -5.81 -19.99 2.05
N THR A 102 -5.82 -19.03 2.97
CA THR A 102 -7.00 -18.22 3.23
C THR A 102 -8.03 -19.25 3.67
N ASP A 103 -8.12 -19.46 4.98
CA ASP A 103 -9.02 -20.46 5.56
C ASP A 103 -8.38 -21.83 5.27
N GLY A 104 -7.06 -21.83 5.25
CA GLY A 104 -6.26 -23.03 5.00
C GLY A 104 -6.95 -24.30 4.52
N ASN A 105 -7.67 -24.21 3.41
CA ASN A 105 -8.35 -25.37 2.85
C ASN A 105 -7.48 -26.00 1.77
N GLU A 106 -7.09 -27.26 1.98
CA GLU A 106 -6.26 -27.97 1.02
C GLU A 106 -6.93 -27.88 -0.35
N THR A 107 -6.31 -27.14 -1.27
CA THR A 107 -6.86 -26.96 -2.61
C THR A 107 -6.18 -27.82 -3.66
N PHE A 108 -4.85 -27.82 -3.64
CA PHE A 108 -4.10 -28.57 -4.64
C PHE A 108 -2.88 -29.25 -4.03
N ALA A 109 -2.36 -30.26 -4.72
CA ALA A 109 -1.19 -30.98 -4.27
C ALA A 109 -0.48 -31.52 -5.50
N PHE A 110 0.82 -31.26 -5.60
CA PHE A 110 1.58 -31.75 -6.73
C PHE A 110 2.59 -32.79 -6.28
N ILE A 111 2.80 -33.80 -7.10
CA ILE A 111 3.75 -34.85 -6.77
C ILE A 111 4.63 -35.17 -7.96
N PRO A 112 5.91 -34.76 -7.88
CA PRO A 112 6.90 -34.99 -8.95
C PRO A 112 6.99 -36.45 -9.37
N SER A 113 7.26 -36.67 -10.65
CA SER A 113 7.38 -38.02 -11.18
C SER A 113 8.40 -38.79 -10.35
N ALA A 114 9.42 -38.09 -9.89
CA ALA A 114 10.47 -38.71 -9.08
C ALA A 114 9.95 -39.09 -7.71
N VAL A 115 9.05 -38.28 -7.17
CA VAL A 115 8.47 -38.54 -5.85
C VAL A 115 7.36 -39.58 -5.96
N PHE A 116 6.58 -39.49 -7.04
CA PHE A 116 5.48 -40.43 -7.25
C PHE A 116 6.00 -41.82 -7.54
N GLU A 117 7.19 -41.91 -8.11
CA GLU A 117 7.77 -43.20 -8.43
C GLU A 117 8.53 -43.78 -7.24
N LYS A 118 9.08 -42.90 -6.40
CA LYS A 118 9.80 -43.38 -5.22
C LYS A 118 8.80 -44.15 -4.37
N MET A 119 7.54 -43.77 -4.48
CA MET A 119 6.46 -44.43 -3.75
C MET A 119 6.10 -45.67 -4.54
N HIS A 120 7.10 -46.49 -4.83
CA HIS A 120 6.89 -47.71 -5.61
C HIS A 120 8.00 -48.72 -5.32
N GLN A 128 19.42 -31.89 11.54
CA GLN A 128 18.05 -31.57 11.18
C GLN A 128 17.57 -30.37 11.99
N GLY A 129 16.29 -30.36 12.34
CA GLY A 129 15.73 -29.24 13.11
C GLY A 129 14.66 -28.50 12.32
N GLY A 130 13.89 -27.68 13.02
CA GLY A 130 12.82 -26.93 12.38
C GLY A 130 13.33 -25.85 11.44
N ALA A 131 14.29 -25.07 11.91
CA ALA A 131 14.87 -24.01 11.09
C ALA A 131 15.50 -24.61 9.84
N HIS A 132 16.30 -25.65 10.03
CA HIS A 132 16.96 -26.31 8.91
C HIS A 132 15.97 -26.98 7.97
N GLN A 133 15.00 -27.69 8.53
CA GLN A 133 14.00 -28.36 7.71
C GLN A 133 13.20 -27.32 6.95
N PHE A 134 12.96 -26.18 7.59
CA PHE A 134 12.21 -25.12 6.95
C PHE A 134 12.95 -24.67 5.69
N TYR A 135 14.27 -24.54 5.79
CA TYR A 135 15.06 -24.14 4.64
C TYR A 135 15.03 -25.23 3.57
N VAL A 136 15.28 -26.47 3.98
CA VAL A 136 15.31 -27.59 3.05
C VAL A 136 14.00 -27.75 2.28
N ASP A 137 12.86 -27.66 2.96
CA ASP A 137 11.57 -27.79 2.28
C ASP A 137 11.44 -26.64 1.29
N GLY A 138 12.02 -25.50 1.65
CA GLY A 138 12.00 -24.34 0.79
C GLY A 138 10.64 -23.77 0.44
N SER A 139 10.61 -23.01 -0.63
CA SER A 139 9.40 -22.36 -1.11
C SER A 139 9.49 -22.22 -2.62
N PRO A 140 8.40 -22.52 -3.34
CA PRO A 140 8.45 -22.38 -4.80
C PRO A 140 8.44 -20.91 -5.20
N VAL A 141 8.74 -20.65 -6.46
CA VAL A 141 8.74 -19.30 -6.99
C VAL A 141 7.52 -19.12 -7.89
N VAL A 142 6.77 -18.04 -7.68
CA VAL A 142 5.61 -17.78 -8.51
C VAL A 142 5.86 -16.44 -9.22
N ALA A 143 5.50 -16.36 -10.49
CA ALA A 143 5.72 -15.13 -11.22
C ALA A 143 4.84 -15.10 -12.45
N ASP A 144 4.66 -13.90 -13.01
CA ASP A 144 3.88 -13.75 -14.23
C ASP A 144 4.89 -13.86 -15.36
N ALA A 145 4.52 -14.57 -16.41
CA ALA A 145 5.40 -14.74 -17.55
C ALA A 145 4.58 -14.77 -18.83
N PHE A 146 5.21 -14.48 -19.95
CA PHE A 146 4.52 -14.48 -21.22
C PHE A 146 5.06 -15.56 -22.13
N PHE A 147 4.17 -16.40 -22.64
CA PHE A 147 4.53 -17.47 -23.56
C PHE A 147 3.26 -18.06 -24.16
N GLY A 148 3.37 -18.73 -25.29
CA GLY A 148 2.18 -19.27 -25.93
C GLY A 148 1.28 -18.11 -26.32
N GLY A 149 1.89 -16.95 -26.51
CA GLY A 149 1.16 -15.76 -26.91
C GLY A 149 0.28 -15.12 -25.85
N ALA A 150 0.44 -15.53 -24.58
CA ALA A 150 -0.37 -14.94 -23.53
C ALA A 150 0.34 -14.87 -22.19
N TRP A 151 -0.24 -14.09 -21.28
CA TRP A 151 0.31 -13.96 -19.94
C TRP A 151 -0.20 -15.12 -19.11
N HIS A 152 0.65 -15.61 -18.21
CA HIS A 152 0.31 -16.71 -17.32
C HIS A 152 0.97 -16.42 -16.00
N THR A 153 0.52 -17.10 -14.96
CA THR A 153 1.15 -16.98 -13.66
C THR A 153 1.74 -18.37 -13.51
N VAL A 154 3.04 -18.43 -13.32
CA VAL A 154 3.71 -19.72 -13.21
C VAL A 154 4.28 -19.94 -11.81
N LEU A 155 4.56 -21.21 -11.51
CA LEU A 155 5.15 -21.58 -10.24
C LEU A 155 6.29 -22.52 -10.56
N ILE A 156 7.48 -22.19 -10.09
CA ILE A 156 8.64 -23.03 -10.34
C ILE A 156 9.05 -23.68 -9.02
N GLY A 157 9.11 -25.01 -9.03
CA GLY A 157 9.50 -25.73 -7.83
C GLY A 157 10.66 -26.66 -8.10
N SER A 158 11.11 -27.37 -7.07
CA SER A 158 12.22 -28.30 -7.26
C SER A 158 12.07 -29.47 -6.29
N LEU A 159 12.80 -30.54 -6.54
CA LEU A 159 12.75 -31.73 -5.70
C LEU A 159 13.48 -31.51 -4.38
N ARG A 160 14.08 -30.34 -4.21
CA ARG A 160 14.80 -30.01 -2.99
C ARG A 160 15.91 -31.03 -2.74
N ALA A 161 15.96 -31.58 -1.53
CA ALA A 161 16.97 -32.57 -1.19
C ALA A 161 16.56 -33.98 -1.61
N GLY A 162 15.30 -34.11 -2.05
CA GLY A 162 14.79 -35.41 -2.46
C GLY A 162 15.36 -35.95 -3.75
N GLY A 163 15.74 -35.05 -4.65
CA GLY A 163 16.29 -35.47 -5.93
C GLY A 163 16.78 -34.28 -6.71
N LYS A 164 17.36 -34.52 -7.89
CA LYS A 164 17.87 -33.45 -8.73
C LYS A 164 16.83 -33.18 -9.82
N GLY A 165 15.98 -32.20 -9.58
CA GLY A 165 14.96 -31.91 -10.57
C GLY A 165 14.28 -30.58 -10.36
N LEU A 166 13.73 -30.08 -11.46
CA LEU A 166 13.03 -28.81 -11.48
C LEU A 166 11.70 -29.03 -12.17
N PHE A 167 10.69 -28.24 -11.81
CA PHE A 167 9.41 -28.34 -12.47
C PHE A 167 8.73 -26.98 -12.45
N ALA A 168 7.83 -26.77 -13.40
CA ALA A 168 7.10 -25.53 -13.51
C ALA A 168 5.62 -25.86 -13.69
N LEU A 169 4.77 -25.12 -13.00
CA LEU A 169 3.34 -25.35 -13.13
C LEU A 169 2.71 -24.05 -13.60
N ASP A 170 1.63 -24.16 -14.37
CA ASP A 170 0.91 -22.98 -14.83
C ASP A 170 -0.16 -22.84 -13.75
N VAL A 171 -0.01 -21.81 -12.93
CA VAL A 171 -0.93 -21.60 -11.82
C VAL A 171 -1.87 -20.39 -12.03
N THR A 172 -2.02 -19.98 -13.28
CA THR A 172 -2.88 -18.86 -13.62
C THR A 172 -4.31 -19.09 -13.13
N ASP A 173 -4.80 -20.31 -13.32
CA ASP A 173 -6.15 -20.67 -12.88
C ASP A 173 -6.05 -21.73 -11.80
N PRO A 174 -6.24 -21.33 -10.53
CA PRO A 174 -6.17 -22.27 -9.40
C PRO A 174 -7.08 -23.49 -9.57
N ALA A 175 -8.19 -23.29 -10.25
CA ALA A 175 -9.15 -24.36 -10.48
C ALA A 175 -8.67 -25.26 -11.62
N ASN A 176 -7.62 -24.84 -12.30
CA ASN A 176 -7.08 -25.64 -13.39
C ASN A 176 -5.58 -25.48 -13.54
N ILE A 177 -4.85 -26.05 -12.58
CA ILE A 177 -3.40 -26.00 -12.58
C ILE A 177 -2.86 -27.04 -13.56
N LYS A 178 -1.91 -26.63 -14.39
CA LYS A 178 -1.33 -27.54 -15.37
C LYS A 178 0.17 -27.72 -15.18
N LEU A 179 0.68 -28.86 -15.63
CA LEU A 179 2.10 -29.16 -15.55
C LEU A 179 2.76 -28.72 -16.85
N LEU A 180 3.61 -27.70 -16.77
CA LEU A 180 4.29 -27.19 -17.95
C LEU A 180 5.45 -28.10 -18.33
N TRP A 181 6.29 -28.43 -17.35
CA TRP A 181 7.41 -29.31 -17.60
C TRP A 181 8.13 -29.77 -16.33
N GLU A 182 8.97 -30.78 -16.51
CA GLU A 182 9.77 -31.36 -15.44
C GLU A 182 11.16 -31.58 -15.99
N ILE A 183 12.16 -31.10 -15.26
CA ILE A 183 13.55 -31.27 -15.69
C ILE A 183 14.26 -32.18 -14.70
N GLY A 184 15.12 -33.05 -15.23
CA GLY A 184 15.89 -33.96 -14.40
C GLY A 184 17.28 -34.04 -14.97
N VAL A 185 18.13 -34.90 -14.40
CA VAL A 185 19.49 -35.02 -14.91
C VAL A 185 19.45 -35.50 -16.35
N ASP A 186 18.41 -36.24 -16.70
CA ASP A 186 18.26 -36.74 -18.06
C ASP A 186 18.18 -35.58 -19.06
N GLN A 187 17.53 -34.49 -18.66
CA GLN A 187 17.40 -33.32 -19.52
C GLN A 187 18.57 -32.36 -19.35
N GLU A 188 19.10 -32.29 -18.14
CA GLU A 188 20.22 -31.41 -17.83
C GLU A 188 21.19 -32.17 -16.96
N PRO A 189 22.19 -32.82 -17.59
CA PRO A 189 23.20 -33.61 -16.88
C PRO A 189 23.88 -32.93 -15.69
N ASP A 190 24.02 -31.61 -15.73
CA ASP A 190 24.68 -30.90 -14.63
C ASP A 190 23.71 -30.34 -13.59
N LEU A 191 22.48 -30.82 -13.60
CA LEU A 191 21.50 -30.36 -12.63
C LEU A 191 21.76 -31.03 -11.28
N GLY A 192 21.81 -30.22 -10.22
CA GLY A 192 22.03 -30.77 -8.90
C GLY A 192 20.80 -30.57 -8.03
N TYR A 193 20.95 -30.69 -6.72
CA TYR A 193 19.82 -30.46 -5.83
C TYR A 193 19.50 -28.97 -5.98
N SER A 194 18.31 -28.70 -6.50
CA SER A 194 17.90 -27.34 -6.77
C SER A 194 17.44 -26.45 -5.63
N PHE A 195 18.34 -26.22 -4.70
CA PHE A 195 18.07 -25.34 -3.58
C PHE A 195 18.03 -23.88 -4.06
N PRO A 196 18.78 -23.55 -5.14
CA PRO A 196 18.75 -22.17 -5.61
C PRO A 196 17.35 -21.70 -5.96
N LYS A 197 17.07 -20.43 -5.70
CA LYS A 197 15.78 -19.86 -6.03
C LYS A 197 15.86 -19.32 -7.45
N PRO A 198 15.02 -19.82 -8.35
CA PRO A 198 15.08 -19.34 -9.73
C PRO A 198 14.42 -17.98 -9.90
N THR A 199 14.77 -17.30 -10.98
CA THR A 199 14.18 -16.03 -11.32
C THR A 199 13.48 -16.28 -12.65
N VAL A 200 12.31 -15.69 -12.80
CA VAL A 200 11.55 -15.83 -14.04
C VAL A 200 11.66 -14.48 -14.71
N ALA A 201 12.20 -14.44 -15.93
CA ALA A 201 12.38 -13.16 -16.58
C ALA A 201 12.39 -13.21 -18.08
N ARG A 202 12.23 -12.05 -18.69
CA ARG A 202 12.25 -11.91 -20.13
C ARG A 202 13.70 -11.68 -20.52
N LEU A 203 14.17 -12.43 -21.51
CA LEU A 203 15.55 -12.30 -21.95
C LEU A 203 15.65 -11.77 -23.37
N HIS A 204 16.86 -11.40 -23.75
CA HIS A 204 17.11 -10.85 -25.07
C HIS A 204 16.96 -11.86 -26.22
N ASN A 205 16.60 -13.10 -25.90
CA ASN A 205 16.41 -14.09 -26.96
C ASN A 205 14.94 -14.04 -27.37
N GLY A 206 14.25 -13.00 -26.92
CA GLY A 206 12.86 -12.78 -27.24
C GLY A 206 11.82 -13.53 -26.42
N LYS A 207 12.27 -14.34 -25.46
CA LYS A 207 11.34 -15.13 -24.69
C LYS A 207 11.55 -15.07 -23.17
N TRP A 208 10.55 -15.57 -22.45
CA TRP A 208 10.62 -15.62 -21.00
C TRP A 208 11.30 -16.93 -20.63
N ALA A 209 12.09 -16.90 -19.56
CA ALA A 209 12.79 -18.10 -19.14
C ALA A 209 12.92 -18.21 -17.64
N VAL A 210 13.28 -19.40 -17.20
CA VAL A 210 13.52 -19.64 -15.80
C VAL A 210 15.03 -19.58 -15.77
N VAL A 211 15.58 -18.64 -15.00
CA VAL A 211 17.01 -18.50 -14.89
C VAL A 211 17.40 -18.85 -13.46
N THR A 212 18.21 -19.89 -13.31
CA THR A 212 18.60 -20.33 -11.99
C THR A 212 19.98 -20.98 -11.98
N GLY A 213 20.49 -21.28 -10.80
CA GLY A 213 21.78 -21.93 -10.70
C GLY A 213 21.54 -23.43 -10.87
N ASN A 214 22.55 -24.17 -11.29
CA ASN A 214 22.37 -25.61 -11.50
C ASN A 214 22.19 -26.36 -10.18
N GLY A 215 22.52 -25.71 -9.06
CA GLY A 215 22.33 -26.41 -7.80
C GLY A 215 23.57 -27.11 -7.29
N TYR A 216 23.38 -27.92 -6.25
CA TYR A 216 24.50 -28.58 -5.61
C TYR A 216 24.62 -30.09 -5.75
N SER A 217 25.87 -30.56 -5.70
CA SER A 217 26.17 -31.98 -5.82
C SER A 217 25.72 -32.57 -7.13
N SER A 218 25.86 -31.81 -8.22
CA SER A 218 25.48 -32.31 -9.52
C SER A 218 26.52 -33.37 -9.88
N MET A 219 26.23 -34.17 -10.90
CA MET A 219 27.10 -35.26 -11.36
C MET A 219 28.60 -34.96 -11.37
N ASN A 220 29.01 -33.85 -12.00
CA ASN A 220 30.42 -33.51 -12.07
C ASN A 220 30.84 -32.33 -11.21
N ASP A 221 30.04 -32.04 -10.19
CA ASP A 221 30.32 -30.94 -9.26
C ASP A 221 30.64 -29.61 -9.93
N LYS A 222 30.04 -29.35 -11.08
CA LYS A 222 30.27 -28.10 -11.78
C LYS A 222 29.24 -27.07 -11.37
N ALA A 223 29.51 -25.81 -11.73
CA ALA A 223 28.61 -24.71 -11.43
C ALA A 223 28.23 -24.12 -12.79
N ALA A 224 26.93 -23.87 -13.00
CA ALA A 224 26.49 -23.30 -14.26
C ALA A 224 25.15 -22.60 -14.14
N LEU A 225 24.96 -21.53 -14.92
CA LEU A 225 23.70 -20.83 -14.91
C LEU A 225 22.82 -21.58 -15.90
N LEU A 226 21.62 -21.93 -15.48
CA LEU A 226 20.71 -22.63 -16.37
C LEU A 226 19.66 -21.64 -16.83
N ILE A 227 19.47 -21.57 -18.15
CA ILE A 227 18.48 -20.69 -18.72
C ILE A 227 17.50 -21.64 -19.39
N ILE A 228 16.37 -21.84 -18.73
CA ILE A 228 15.34 -22.76 -19.16
C ILE A 228 14.16 -22.03 -19.80
N ASP A 229 13.82 -22.40 -21.03
CA ASP A 229 12.69 -21.77 -21.72
C ASP A 229 11.44 -21.97 -20.88
N MET A 230 10.77 -20.87 -20.55
CA MET A 230 9.56 -20.92 -19.74
C MET A 230 8.51 -21.88 -20.30
N GLU A 231 8.21 -21.75 -21.59
CA GLU A 231 7.19 -22.58 -22.19
C GLU A 231 7.54 -24.06 -22.32
N THR A 232 8.71 -24.33 -22.88
CA THR A 232 9.15 -25.69 -23.15
C THR A 232 9.93 -26.44 -22.07
N GLY A 233 10.66 -25.72 -21.23
CA GLY A 233 11.45 -26.39 -20.22
C GLY A 233 12.77 -26.82 -20.86
N ALA A 234 12.95 -26.47 -22.13
CA ALA A 234 14.18 -26.82 -22.82
C ALA A 234 15.32 -25.99 -22.23
N ILE A 235 16.53 -26.52 -22.29
CA ILE A 235 17.66 -25.78 -21.77
C ILE A 235 18.12 -24.82 -22.87
N THR A 236 17.61 -23.60 -22.85
CA THR A 236 17.98 -22.61 -23.88
C THR A 236 19.48 -22.36 -23.89
N ARG A 237 20.08 -22.31 -22.70
CA ARG A 237 21.52 -22.11 -22.57
C ARG A 237 22.00 -22.52 -21.20
N LYS A 238 23.16 -23.17 -21.19
CA LYS A 238 23.80 -23.56 -19.94
C LYS A 238 25.11 -22.81 -20.01
N LEU A 239 25.31 -21.91 -19.06
CA LEU A 239 26.52 -21.11 -19.00
C LEU A 239 27.41 -21.66 -17.90
N GLU A 240 28.32 -22.56 -18.28
CA GLU A 240 29.22 -23.16 -17.32
C GLU A 240 30.28 -22.17 -16.90
N VAL A 241 30.66 -22.29 -15.64
CA VAL A 241 31.65 -21.44 -15.04
C VAL A 241 32.78 -22.40 -14.63
N THR A 242 34.03 -21.94 -14.71
CA THR A 242 35.15 -22.82 -14.34
C THR A 242 35.43 -22.83 -12.84
N GLY A 243 35.84 -21.69 -12.29
CA GLY A 243 36.14 -21.62 -10.88
C GLY A 243 37.33 -22.50 -10.56
N ARG A 244 37.39 -23.00 -9.34
CA ARG A 244 38.48 -23.88 -8.91
C ARG A 244 38.06 -25.31 -9.22
N THR A 245 38.87 -26.03 -9.99
CA THR A 245 38.51 -27.41 -10.36
C THR A 245 38.93 -28.48 -9.36
N GLY A 246 38.34 -29.65 -9.48
CA GLY A 246 38.65 -30.75 -8.58
C GLY A 246 38.09 -30.51 -7.19
N VAL A 247 37.36 -29.41 -7.03
CA VAL A 247 36.73 -29.07 -5.75
C VAL A 247 35.23 -28.91 -6.00
N PRO A 248 34.40 -29.56 -5.19
CA PRO A 248 32.94 -29.46 -5.37
C PRO A 248 32.45 -28.03 -5.59
N ASN A 249 31.54 -27.86 -6.54
CA ASN A 249 30.95 -26.56 -6.81
C ASN A 249 29.51 -26.73 -7.27
N GLY A 250 28.78 -25.61 -7.32
CA GLY A 250 27.39 -25.60 -7.72
C GLY A 250 27.00 -24.13 -7.73
N LEU A 251 26.20 -23.72 -8.70
CA LEU A 251 25.80 -22.32 -8.78
C LEU A 251 24.53 -22.08 -7.96
N SER A 252 24.49 -20.97 -7.24
CA SER A 252 23.33 -20.64 -6.40
C SER A 252 22.33 -19.70 -7.06
N SER A 253 21.44 -19.14 -6.24
CA SER A 253 20.38 -18.23 -6.71
C SER A 253 20.91 -17.02 -7.45
N PRO A 254 20.43 -16.80 -8.69
CA PRO A 254 20.92 -15.64 -9.43
C PRO A 254 20.06 -14.40 -9.19
N ARG A 255 20.65 -13.23 -9.48
CA ARG A 255 19.93 -11.98 -9.40
C ARG A 255 20.06 -11.39 -10.80
N LEU A 256 18.94 -11.16 -11.46
CA LEU A 256 18.99 -10.59 -12.80
C LEU A 256 19.04 -9.08 -12.74
N ALA A 257 19.75 -8.47 -13.68
CA ALA A 257 19.86 -7.02 -13.73
C ALA A 257 19.32 -6.51 -15.04
N ASP A 258 18.55 -5.43 -14.96
CA ASP A 258 17.94 -4.77 -16.11
C ASP A 258 18.41 -3.32 -16.00
N ASN A 259 19.47 -2.99 -16.72
CA ASN A 259 20.04 -1.66 -16.62
C ASN A 259 19.52 -0.54 -17.51
N ASN A 260 18.37 -0.74 -18.15
CA ASN A 260 17.79 0.30 -18.98
C ASN A 260 16.28 0.31 -18.74
N SER A 261 15.90 -0.24 -17.58
CA SER A 261 14.51 -0.31 -17.15
C SER A 261 13.49 -0.61 -18.24
N ASP A 262 13.66 -1.70 -18.96
CA ASP A 262 12.70 -2.06 -20.01
C ASP A 262 12.08 -3.43 -19.76
N GLY A 263 12.37 -4.02 -18.60
CA GLY A 263 11.81 -5.32 -18.29
C GLY A 263 12.52 -6.52 -18.91
N VAL A 264 13.60 -6.26 -19.63
CA VAL A 264 14.36 -7.34 -20.25
C VAL A 264 15.70 -7.45 -19.53
N ALA A 265 15.97 -8.62 -18.96
CA ALA A 265 17.21 -8.86 -18.22
C ALA A 265 18.45 -8.71 -19.10
N ASP A 266 19.44 -7.98 -18.58
CA ASP A 266 20.68 -7.75 -19.31
C ASP A 266 21.87 -8.53 -18.77
N TYR A 267 21.92 -8.68 -17.46
CA TYR A 267 23.00 -9.43 -16.79
C TYR A 267 22.38 -10.30 -15.70
N ALA A 268 23.17 -11.26 -15.23
CA ALA A 268 22.75 -12.13 -14.15
C ALA A 268 23.96 -12.23 -13.25
N TYR A 269 23.72 -12.20 -11.94
CA TYR A 269 24.79 -12.31 -10.96
C TYR A 269 24.44 -13.49 -10.05
N ALA A 270 25.41 -14.32 -9.75
CA ALA A 270 25.16 -15.48 -8.90
C ALA A 270 26.42 -15.98 -8.23
N GLY A 271 26.32 -16.34 -6.96
CA GLY A 271 27.47 -16.87 -6.26
C GLY A 271 27.44 -18.38 -6.40
N ASP A 272 28.49 -19.05 -5.95
CA ASP A 272 28.52 -20.50 -6.03
C ASP A 272 29.04 -21.09 -4.72
N LEU A 273 29.05 -22.42 -4.62
CA LEU A 273 29.51 -23.09 -3.42
C LEU A 273 30.97 -22.79 -3.12
N GLN A 274 31.71 -22.37 -4.14
CA GLN A 274 33.13 -22.06 -3.97
C GLN A 274 33.39 -20.64 -3.51
N GLY A 275 32.33 -19.85 -3.40
CA GLY A 275 32.49 -18.48 -2.96
C GLY A 275 32.73 -17.50 -4.08
N ASN A 276 32.62 -17.95 -5.33
CA ASN A 276 32.81 -17.05 -6.45
C ASN A 276 31.52 -16.33 -6.77
N LEU A 277 31.60 -15.02 -7.00
CA LEU A 277 30.40 -14.26 -7.36
C LEU A 277 30.55 -14.04 -8.86
N TRP A 278 29.74 -14.76 -9.64
CA TRP A 278 29.81 -14.66 -11.09
C TRP A 278 28.83 -13.69 -11.71
N ARG A 279 29.21 -13.13 -12.85
CA ARG A 279 28.30 -12.29 -13.60
C ARG A 279 28.23 -12.95 -14.97
N PHE A 280 27.07 -12.86 -15.59
CA PHE A 280 26.84 -13.44 -16.90
C PHE A 280 26.26 -12.35 -17.77
N ASP A 281 26.74 -12.24 -19.01
CA ASP A 281 26.25 -11.26 -19.94
C ASP A 281 25.08 -11.92 -20.66
N LEU A 282 23.89 -11.36 -20.53
CA LEU A 282 22.72 -11.92 -21.20
C LEU A 282 22.33 -10.99 -22.34
N ILE A 283 23.34 -10.51 -23.07
CA ILE A 283 23.15 -9.64 -24.23
C ILE A 283 24.06 -10.13 -25.35
N ALA A 284 23.82 -9.68 -26.57
CA ALA A 284 24.60 -10.10 -27.73
C ALA A 284 26.08 -9.72 -27.66
N GLY A 285 26.90 -10.43 -28.42
CA GLY A 285 28.32 -10.15 -28.47
C GLY A 285 28.59 -8.71 -28.87
N LYS A 286 28.11 -8.33 -30.05
CA LYS A 286 28.27 -6.95 -30.52
C LYS A 286 27.48 -6.07 -29.57
N VAL A 287 27.38 -4.79 -29.91
CA VAL A 287 26.63 -3.84 -29.08
C VAL A 287 26.07 -2.76 -29.99
N ASN A 288 25.39 -1.78 -29.38
CA ASN A 288 24.83 -0.67 -30.12
C ASN A 288 25.38 0.59 -29.46
N GLN A 289 26.34 0.38 -28.57
CA GLN A 289 27.02 1.43 -27.83
C GLN A 289 26.16 2.53 -27.20
N ASP A 290 25.43 3.29 -28.02
CA ASP A 290 24.57 4.35 -27.50
C ASP A 290 23.55 3.78 -26.52
N ASP A 291 23.05 2.58 -26.81
CA ASP A 291 22.11 1.91 -25.92
C ASP A 291 22.34 0.42 -26.10
N PRO A 292 23.45 -0.08 -25.53
CA PRO A 292 23.91 -1.48 -25.55
C PRO A 292 22.87 -2.49 -25.08
N PHE A 293 21.82 -2.00 -24.44
CA PHE A 293 20.76 -2.86 -23.93
C PHE A 293 19.54 -2.84 -24.83
N SER A 294 19.75 -2.37 -26.06
CA SER A 294 18.68 -2.30 -27.05
C SER A 294 18.06 -3.66 -27.31
N ARG A 295 16.77 -3.67 -27.59
CA ARG A 295 16.04 -4.91 -27.88
C ARG A 295 15.97 -5.13 -29.39
N ALA A 296 16.39 -4.12 -30.15
CA ALA A 296 16.35 -4.15 -31.60
C ALA A 296 16.71 -5.49 -32.25
N ASN A 297 17.78 -6.11 -31.80
CA ASN A 297 18.19 -7.38 -32.37
C ASN A 297 17.79 -8.59 -31.55
N ASP A 298 16.84 -8.43 -30.64
CA ASP A 298 16.41 -9.57 -29.84
C ASP A 298 15.89 -10.70 -30.72
N GLY A 299 16.25 -11.92 -30.34
CA GLY A 299 15.83 -13.08 -31.11
C GLY A 299 16.51 -14.33 -30.59
N PRO A 300 16.07 -15.51 -31.04
CA PRO A 300 16.65 -16.77 -30.60
C PRO A 300 18.17 -16.87 -30.75
N ALA A 301 18.71 -16.18 -31.76
CA ALA A 301 20.15 -16.20 -32.00
C ALA A 301 20.98 -15.58 -30.88
N VAL A 302 20.44 -14.57 -30.22
CA VAL A 302 21.17 -13.90 -29.15
C VAL A 302 21.57 -14.88 -28.03
N ALA A 303 20.81 -15.96 -27.90
CA ALA A 303 21.08 -16.95 -26.86
C ALA A 303 22.50 -17.49 -26.93
N SER A 304 22.99 -17.73 -28.15
CA SER A 304 24.34 -18.25 -28.34
C SER A 304 25.39 -17.23 -27.93
N SER A 305 25.00 -15.97 -27.86
CA SER A 305 25.92 -14.91 -27.47
C SER A 305 26.03 -14.77 -25.95
N PHE A 306 25.05 -15.31 -25.20
CA PHE A 306 25.11 -15.22 -23.75
C PHE A 306 26.46 -15.81 -23.32
N ARG A 307 27.05 -15.28 -22.27
CA ARG A 307 28.36 -15.76 -21.83
C ARG A 307 28.69 -15.34 -20.40
N VAL A 308 29.64 -16.04 -19.79
CA VAL A 308 30.06 -15.67 -18.45
C VAL A 308 30.80 -14.36 -18.71
N SER A 309 30.57 -13.38 -17.85
CA SER A 309 31.19 -12.07 -18.00
C SER A 309 32.67 -12.08 -17.66
N PHE A 310 33.33 -10.95 -17.93
CA PHE A 310 34.73 -10.80 -17.58
C PHE A 310 35.65 -11.91 -18.11
N GLY A 311 35.30 -12.44 -19.28
CA GLY A 311 36.11 -13.50 -19.86
C GLY A 311 36.15 -14.80 -19.08
N GLY A 312 35.22 -14.96 -18.13
CA GLY A 312 35.23 -16.19 -17.35
C GLY A 312 35.78 -15.97 -15.95
N GLN A 313 36.18 -14.75 -15.66
CA GLN A 313 36.70 -14.40 -14.34
C GLN A 313 35.52 -13.97 -13.48
N PRO A 314 35.50 -14.40 -12.20
CA PRO A 314 34.38 -14.00 -11.34
C PRO A 314 34.57 -12.56 -10.89
N LEU A 315 33.48 -11.87 -10.59
CA LEU A 315 33.57 -10.50 -10.13
C LEU A 315 34.37 -10.46 -8.84
N TYR A 316 34.23 -11.52 -8.05
CA TYR A 316 34.88 -11.62 -6.76
C TYR A 316 34.89 -13.08 -6.26
N SER A 317 35.83 -13.39 -5.38
CA SER A 317 35.92 -14.73 -4.78
C SER A 317 36.01 -14.51 -3.28
N ALA A 318 34.95 -14.92 -2.58
CA ALA A 318 34.85 -14.74 -1.14
C ALA A 318 35.61 -15.74 -0.27
N VAL A 319 36.46 -15.21 0.59
CA VAL A 319 37.25 -16.02 1.52
C VAL A 319 37.17 -15.32 2.88
N ASP A 320 37.20 -16.10 3.96
CA ASP A 320 37.16 -15.49 5.28
C ASP A 320 38.47 -14.78 5.60
N SER A 321 38.61 -14.37 6.85
CA SER A 321 39.80 -13.66 7.33
C SER A 321 41.06 -14.49 7.15
N ALA A 322 40.94 -15.79 7.36
CA ALA A 322 42.07 -16.71 7.24
C ALA A 322 42.37 -17.12 5.80
N GLY A 323 41.47 -16.78 4.88
CA GLY A 323 41.69 -17.12 3.48
C GLY A 323 40.92 -18.33 2.98
N ALA A 324 40.04 -18.87 3.81
CA ALA A 324 39.24 -20.03 3.43
C ALA A 324 38.00 -19.60 2.67
N ALA A 325 37.68 -20.33 1.60
CA ALA A 325 36.53 -20.05 0.74
C ALA A 325 35.23 -20.02 1.51
N GLN A 326 34.35 -19.08 1.14
CA GLN A 326 33.04 -18.95 1.79
C GLN A 326 31.94 -19.19 0.76
N ALA A 327 31.17 -20.24 0.95
CA ALA A 327 30.09 -20.56 0.03
C ALA A 327 29.05 -19.44 0.00
N ILE A 328 28.46 -19.23 -1.16
CA ILE A 328 27.42 -18.22 -1.33
C ILE A 328 26.16 -18.98 -1.75
N THR A 329 25.10 -18.82 -0.96
CA THR A 329 23.83 -19.47 -1.19
C THR A 329 22.77 -18.49 -1.68
N ALA A 330 22.66 -17.37 -0.98
CA ALA A 330 21.68 -16.36 -1.30
C ALA A 330 22.00 -15.57 -2.56
N ALA A 331 20.96 -15.06 -3.19
CA ALA A 331 21.10 -14.26 -4.40
C ALA A 331 21.70 -12.92 -4.02
N PRO A 332 22.44 -12.31 -4.96
CA PRO A 332 23.06 -11.01 -4.72
C PRO A 332 21.94 -9.97 -4.85
N SER A 333 22.23 -8.74 -4.45
CA SER A 333 21.30 -7.62 -4.57
C SER A 333 22.15 -6.54 -5.23
N LEU A 334 21.53 -5.69 -6.04
CA LEU A 334 22.27 -4.64 -6.73
C LEU A 334 21.78 -3.25 -6.40
N VAL A 335 22.72 -2.34 -6.17
CA VAL A 335 22.39 -0.95 -5.87
C VAL A 335 23.27 -0.07 -6.75
N ARG A 336 22.69 0.90 -7.43
CA ARG A 336 23.47 1.79 -8.28
C ARG A 336 24.54 2.49 -7.43
N HIS A 337 25.76 2.52 -7.92
CA HIS A 337 26.84 3.17 -7.18
C HIS A 337 26.51 4.67 -7.02
N PRO A 338 26.94 5.27 -5.90
CA PRO A 338 26.68 6.70 -5.63
C PRO A 338 27.12 7.65 -6.75
N THR A 339 28.18 7.28 -7.47
CA THR A 339 28.68 8.12 -8.56
C THR A 339 27.88 7.91 -9.84
N ARG A 340 26.96 6.95 -9.79
CA ARG A 340 26.12 6.61 -10.93
C ARG A 340 26.86 5.81 -11.99
N LYS A 341 28.12 5.47 -11.71
CA LYS A 341 28.89 4.65 -12.62
C LYS A 341 28.92 3.23 -12.05
N GLY A 342 28.36 2.28 -12.78
CA GLY A 342 28.37 0.92 -12.31
C GLY A 342 27.41 0.66 -11.16
N TYR A 343 27.53 -0.52 -10.57
CA TYR A 343 26.67 -0.92 -9.47
C TYR A 343 27.43 -1.60 -8.35
N ILE A 344 26.88 -1.51 -7.15
CA ILE A 344 27.48 -2.17 -6.01
C ILE A 344 26.73 -3.51 -5.92
N VAL A 345 27.47 -4.60 -6.05
CA VAL A 345 26.90 -5.93 -5.98
C VAL A 345 27.00 -6.42 -4.54
N ILE A 346 25.86 -6.63 -3.90
CA ILE A 346 25.84 -7.07 -2.52
C ILE A 346 25.49 -8.55 -2.40
N PHE A 347 26.32 -9.29 -1.65
CA PHE A 347 26.09 -10.71 -1.45
C PHE A 347 26.66 -11.16 -0.12
N GLY A 348 26.02 -12.17 0.47
CA GLY A 348 26.48 -12.68 1.75
C GLY A 348 26.82 -14.16 1.62
N THR A 349 27.62 -14.67 2.54
CA THR A 349 28.01 -16.07 2.45
C THR A 349 27.30 -16.95 3.46
N GLY A 350 27.28 -18.24 3.15
CA GLY A 350 26.65 -19.22 4.01
C GLY A 350 26.14 -20.39 3.20
N LYS A 351 25.90 -21.52 3.87
CA LYS A 351 25.37 -22.71 3.21
C LYS A 351 24.62 -23.48 4.27
N TYR A 352 23.48 -24.03 3.91
CA TYR A 352 22.62 -24.70 4.87
C TYR A 352 21.90 -25.92 4.30
N PHE A 353 22.27 -26.36 3.09
CA PHE A 353 21.56 -27.48 2.47
C PHE A 353 21.87 -28.88 2.97
N GLU A 354 23.07 -29.11 3.50
CA GLU A 354 23.41 -30.44 3.98
C GLU A 354 23.07 -30.60 5.46
N ASN A 355 22.84 -31.84 5.89
CA ASN A 355 22.52 -32.10 7.29
C ASN A 355 23.57 -31.51 8.19
N ALA A 356 24.83 -31.74 7.84
CA ALA A 356 25.94 -31.22 8.62
C ALA A 356 25.83 -29.71 8.85
N ASP A 357 25.26 -28.99 7.88
CA ASP A 357 25.13 -27.54 7.99
C ASP A 357 24.16 -27.13 9.08
N ALA A 358 23.35 -28.08 9.55
CA ALA A 358 22.38 -27.80 10.60
C ALA A 358 23.10 -27.31 11.84
N ARG A 359 24.35 -27.74 12.00
CA ARG A 359 25.17 -27.34 13.14
C ARG A 359 26.01 -26.13 12.79
N ALA A 360 26.15 -25.23 13.76
CA ALA A 360 26.93 -24.02 13.57
C ALA A 360 28.41 -24.26 13.33
N ASP A 361 28.94 -23.58 12.32
CA ASP A 361 30.35 -23.67 12.01
C ASP A 361 30.94 -22.39 12.60
N THR A 362 31.55 -22.52 13.78
CA THR A 362 32.13 -21.37 14.46
C THR A 362 33.63 -21.28 14.30
N SER A 363 34.17 -21.91 13.27
CA SER A 363 35.62 -21.89 13.03
C SER A 363 36.00 -20.66 12.22
N ARG A 364 34.99 -20.01 11.66
CA ARG A 364 35.20 -18.83 10.82
C ARG A 364 33.91 -18.03 10.73
N ALA A 365 34.05 -16.78 10.31
CA ALA A 365 32.89 -15.91 10.15
C ALA A 365 32.40 -15.93 8.71
N GLN A 366 31.10 -15.77 8.54
CA GLN A 366 30.51 -15.68 7.22
C GLN A 366 30.54 -14.18 6.99
N THR A 367 30.34 -13.73 5.76
CA THR A 367 30.48 -12.31 5.49
C THR A 367 29.48 -11.72 4.50
N LEU A 368 29.24 -10.42 4.64
CA LEU A 368 28.37 -9.68 3.72
C LEU A 368 29.32 -8.80 2.94
N TYR A 369 29.24 -8.85 1.62
CA TYR A 369 30.12 -8.06 0.76
C TYR A 369 29.36 -7.09 -0.12
N GLY A 370 30.04 -5.99 -0.44
CA GLY A 370 29.51 -4.99 -1.34
C GLY A 370 30.64 -4.74 -2.32
N ILE A 371 30.53 -5.29 -3.53
CA ILE A 371 31.57 -5.14 -4.54
C ILE A 371 31.16 -4.24 -5.71
N TRP A 372 32.04 -3.31 -6.07
CA TRP A 372 31.75 -2.40 -7.16
C TRP A 372 31.97 -3.01 -8.54
N ASP A 373 30.90 -3.15 -9.32
CA ASP A 373 31.01 -3.65 -10.68
C ASP A 373 30.93 -2.34 -11.48
N GLN A 374 32.06 -1.91 -12.04
CA GLN A 374 32.10 -0.65 -12.79
C GLN A 374 31.81 -0.77 -14.28
N GLN A 375 31.55 -1.98 -14.74
CA GLN A 375 31.31 -2.22 -16.15
C GLN A 375 29.90 -2.75 -16.39
N THR A 376 28.90 -1.94 -16.08
CA THR A 376 27.50 -2.35 -16.20
C THR A 376 26.72 -1.59 -17.27
N LYS A 377 27.43 -1.00 -18.22
CA LYS A 377 26.78 -0.24 -19.28
C LYS A 377 26.93 -0.94 -20.63
N GLY A 378 27.03 -2.26 -20.59
CA GLY A 378 27.16 -3.01 -21.83
C GLY A 378 28.55 -3.06 -22.44
N GLU A 379 29.56 -2.59 -21.71
CA GLU A 379 30.93 -2.63 -22.23
C GLU A 379 31.31 -4.10 -22.42
N ALA A 380 32.29 -4.35 -23.30
CA ALA A 380 32.74 -5.72 -23.54
C ALA A 380 33.13 -6.38 -22.22
N ALA A 381 33.76 -5.61 -21.33
CA ALA A 381 34.18 -6.13 -20.03
C ALA A 381 34.88 -7.47 -20.17
N GLY A 382 35.98 -7.50 -20.91
CA GLY A 382 36.72 -8.72 -21.12
C GLY A 382 37.34 -9.25 -19.84
N SER A 383 37.41 -8.39 -18.84
CA SER A 383 37.98 -8.77 -17.55
C SER A 383 37.42 -7.85 -16.48
N THR A 384 37.87 -8.06 -15.26
CA THR A 384 37.42 -7.25 -14.14
C THR A 384 38.50 -7.26 -13.07
N PRO A 385 38.61 -6.17 -12.29
CA PRO A 385 39.63 -6.11 -11.25
C PRO A 385 39.55 -7.29 -10.30
N ARG A 386 40.72 -7.80 -9.90
CA ARG A 386 40.75 -8.92 -8.96
C ARG A 386 40.88 -8.26 -7.60
N LEU A 387 39.86 -8.43 -6.76
CA LEU A 387 39.84 -7.82 -5.44
C LEU A 387 39.94 -8.79 -4.28
N THR A 388 40.33 -8.22 -3.14
CA THR A 388 40.49 -8.95 -1.90
C THR A 388 39.92 -8.02 -0.83
N ARG A 389 39.75 -8.52 0.39
CA ARG A 389 39.23 -7.70 1.48
C ARG A 389 40.06 -6.42 1.61
N GLY A 390 41.34 -6.51 1.23
CA GLY A 390 42.24 -5.37 1.32
C GLY A 390 41.81 -4.17 0.48
N ASN A 391 41.08 -4.43 -0.59
CA ASN A 391 40.60 -3.36 -1.46
C ASN A 391 39.24 -2.84 -1.00
N LEU A 392 38.74 -3.39 0.10
CA LEU A 392 37.43 -3.02 0.61
C LEU A 392 37.48 -2.37 1.98
N GLN A 393 36.44 -1.62 2.31
CA GLN A 393 36.35 -0.97 3.60
C GLN A 393 35.63 -1.91 4.54
N GLN A 394 36.31 -2.27 5.63
CA GLN A 394 35.74 -3.15 6.61
C GLN A 394 34.70 -2.42 7.47
N GLN A 395 33.67 -3.15 7.87
CA GLN A 395 32.63 -2.62 8.75
C GLN A 395 32.52 -3.75 9.79
N THR A 396 32.04 -3.43 10.98
CA THR A 396 31.92 -4.44 12.02
C THR A 396 30.62 -4.29 12.78
N LEU A 397 30.18 -5.39 13.39
CA LEU A 397 29.00 -5.34 14.23
C LEU A 397 29.69 -5.12 15.57
N ASP A 398 29.53 -3.92 16.13
CA ASP A 398 30.22 -3.56 17.35
C ASP A 398 29.51 -3.72 18.68
N LEU A 399 28.20 -3.95 18.64
CA LEU A 399 27.49 -4.07 19.89
C LEU A 399 26.16 -4.78 19.77
N GLN A 400 25.89 -5.64 20.74
CA GLN A 400 24.62 -6.33 20.82
C GLN A 400 24.12 -5.98 22.21
N ALA A 401 22.87 -5.55 22.28
CA ALA A 401 22.32 -5.18 23.57
C ALA A 401 20.82 -5.33 23.57
N ASP A 402 20.26 -5.36 24.77
CA ASP A 402 18.84 -5.46 24.98
C ASP A 402 18.42 -4.05 25.36
N SER A 403 17.40 -3.54 24.69
CA SER A 403 16.92 -2.20 24.96
C SER A 403 15.42 -2.15 24.75
N THR A 404 14.82 -1.01 25.06
CA THR A 404 13.39 -0.83 24.90
C THR A 404 13.15 0.38 24.02
N PHE A 405 12.28 0.23 23.03
CA PHE A 405 11.95 1.28 22.09
C PHE A 405 10.48 1.56 22.31
N ALA A 406 10.20 2.72 22.89
CA ALA A 406 8.85 3.10 23.27
C ALA A 406 8.59 2.13 24.42
N SER A 407 7.73 1.13 24.20
CA SER A 407 7.44 0.14 25.23
C SER A 407 7.95 -1.24 24.82
N THR A 408 8.29 -1.38 23.53
CA THR A 408 8.75 -2.65 23.00
C THR A 408 10.21 -2.97 23.29
N ALA A 409 10.45 -4.14 23.88
CA ALA A 409 11.80 -4.57 24.20
C ALA A 409 12.32 -5.42 23.05
N ARG A 410 13.59 -5.25 22.69
CA ARG A 410 14.20 -6.00 21.60
C ARG A 410 15.69 -6.16 21.85
N THR A 411 16.30 -7.15 21.21
CA THR A 411 17.74 -7.33 21.32
C THR A 411 18.22 -6.79 19.97
N ILE A 412 19.11 -5.81 20.01
CA ILE A 412 19.59 -5.20 18.79
C ILE A 412 21.09 -5.25 18.63
N ARG A 413 21.55 -4.86 17.46
CA ARG A 413 22.97 -4.82 17.17
C ARG A 413 23.25 -3.49 16.49
N ILE A 414 24.42 -2.93 16.77
CA ILE A 414 24.83 -1.67 16.16
C ILE A 414 26.05 -1.96 15.32
N ALA A 415 26.05 -1.40 14.11
CA ALA A 415 27.16 -1.60 13.19
C ALA A 415 27.99 -0.32 13.12
N SER A 416 29.24 -0.48 12.68
CA SER A 416 30.14 0.66 12.51
C SER A 416 29.63 1.49 11.35
N GLN A 417 30.23 2.65 11.13
CA GLN A 417 29.82 3.53 10.06
C GLN A 417 31.04 4.14 9.38
N ASN A 418 31.94 3.28 8.94
CA ASN A 418 33.17 3.71 8.29
C ASN A 418 32.88 4.11 6.84
N PRO A 419 33.43 5.25 6.41
CA PRO A 419 33.18 5.66 5.04
C PRO A 419 34.01 4.85 4.05
N VAL A 420 33.58 4.84 2.79
CA VAL A 420 34.29 4.13 1.74
C VAL A 420 34.87 5.18 0.81
N ASN A 421 36.17 5.10 0.53
CA ASN A 421 36.81 6.05 -0.36
C ASN A 421 36.93 5.38 -1.72
N TRP A 422 35.95 5.65 -2.57
CA TRP A 422 35.90 5.04 -3.89
C TRP A 422 36.97 5.46 -4.89
N LEU A 423 37.23 6.76 -4.99
CA LEU A 423 38.21 7.26 -5.96
C LEU A 423 39.30 8.15 -5.38
N ASN A 424 40.47 8.12 -6.01
CA ASN A 424 41.57 8.99 -5.59
C ASN A 424 41.28 10.31 -6.31
N ASN A 425 42.11 11.33 -6.08
CA ASN A 425 41.88 12.60 -6.74
C ASN A 425 42.17 12.51 -8.24
N ASP A 426 42.89 11.47 -8.66
CA ASP A 426 43.22 11.25 -10.07
C ASP A 426 41.99 10.72 -10.79
N GLY A 427 41.08 10.12 -10.04
CA GLY A 427 39.90 9.56 -10.64
C GLY A 427 40.03 8.05 -10.70
N SER A 428 41.18 7.54 -10.27
CA SER A 428 41.43 6.10 -10.26
C SER A 428 40.75 5.48 -9.04
N THR A 429 40.34 4.22 -9.18
CA THR A 429 39.66 3.51 -8.11
C THR A 429 40.53 3.23 -6.89
N LYS A 430 40.01 3.59 -5.71
CA LYS A 430 40.74 3.34 -4.48
C LYS A 430 40.11 2.09 -3.84
N GLN A 431 39.07 2.26 -3.04
CA GLN A 431 38.41 1.10 -2.45
C GLN A 431 37.33 0.66 -3.43
N SER A 432 37.19 -0.66 -3.62
CA SER A 432 36.18 -1.13 -4.56
C SER A 432 34.95 -1.67 -3.89
N GLY A 433 34.84 -1.44 -2.58
CA GLY A 433 33.68 -1.93 -1.88
C GLY A 433 33.83 -2.01 -0.38
N TRP A 434 33.10 -2.95 0.21
CA TRP A 434 33.12 -3.14 1.64
C TRP A 434 32.76 -4.56 2.01
N TYR A 435 32.95 -4.90 3.28
CA TYR A 435 32.60 -6.21 3.78
C TYR A 435 32.25 -6.10 5.25
N LEU A 436 31.44 -7.03 5.73
CA LEU A 436 31.01 -7.05 7.11
C LEU A 436 30.93 -8.52 7.52
N ASP A 437 31.81 -8.95 8.43
CA ASP A 437 31.77 -10.33 8.88
C ASP A 437 30.58 -10.45 9.85
N PHE A 438 29.81 -11.51 9.71
CA PHE A 438 28.67 -11.73 10.57
C PHE A 438 29.13 -12.22 11.93
N MET A 439 29.47 -11.26 12.79
CA MET A 439 29.93 -11.55 14.14
C MET A 439 29.98 -10.25 14.90
N VAL A 440 29.60 -10.28 16.17
CA VAL A 440 29.64 -9.08 16.99
C VAL A 440 30.95 -9.06 17.77
N ASN A 441 31.84 -8.16 17.40
CA ASN A 441 33.14 -8.03 18.04
C ASN A 441 33.94 -9.33 17.99
N GLY A 442 34.01 -9.93 16.80
CA GLY A 442 34.76 -11.15 16.62
C GLY A 442 34.22 -12.46 17.16
N THR A 443 33.13 -12.45 17.93
CA THR A 443 32.62 -13.72 18.46
C THR A 443 31.91 -14.53 17.38
N LEU A 444 32.55 -15.64 17.03
CA LEU A 444 32.07 -16.56 16.01
C LEU A 444 30.93 -17.43 16.50
N LYS A 445 29.76 -17.29 15.88
CA LYS A 445 28.59 -18.07 16.25
C LYS A 445 28.07 -18.84 15.04
N GLY A 446 28.75 -18.68 13.91
CA GLY A 446 28.31 -19.35 12.71
C GLY A 446 27.12 -18.67 12.08
N GLU A 447 26.99 -17.36 12.30
CA GLU A 447 25.88 -16.62 11.70
C GLU A 447 26.13 -16.60 10.21
N MET A 448 25.10 -16.82 9.41
CA MET A 448 25.29 -16.82 7.97
C MET A 448 24.08 -16.31 7.19
N LEU A 449 24.31 -16.03 5.91
CA LEU A 449 23.25 -15.55 5.04
C LEU A 449 22.80 -16.65 4.07
N ILE A 450 21.53 -17.04 4.12
CA ILE A 450 21.07 -18.03 3.15
C ILE A 450 19.82 -17.53 2.41
N GLU A 451 19.15 -16.52 2.98
CA GLU A 451 17.94 -15.94 2.37
C GLU A 451 18.25 -14.72 1.53
N ASP A 452 17.47 -14.50 0.47
CA ASP A 452 17.68 -13.35 -0.40
C ASP A 452 17.47 -12.04 0.37
N MET A 453 18.09 -10.98 -0.12
CA MET A 453 18.01 -9.68 0.51
C MET A 453 17.13 -8.73 -0.28
N ILE A 454 16.85 -7.58 0.32
CA ILE A 454 16.01 -6.57 -0.31
C ILE A 454 16.68 -5.21 -0.29
N ALA A 455 16.98 -4.68 -1.46
CA ALA A 455 17.61 -3.37 -1.57
C ALA A 455 16.53 -2.40 -2.02
N ILE A 456 16.32 -1.36 -1.22
CA ILE A 456 15.30 -0.35 -1.55
C ILE A 456 15.78 1.01 -1.11
N GLY A 457 15.62 2.01 -1.97
CA GLY A 457 16.06 3.34 -1.63
C GLY A 457 17.54 3.32 -1.24
N GLN A 458 17.84 3.83 -0.05
CA GLN A 458 19.22 3.88 0.42
C GLN A 458 19.49 2.84 1.51
N VAL A 459 18.87 1.68 1.40
CA VAL A 459 19.10 0.62 2.38
C VAL A 459 19.06 -0.77 1.78
N VAL A 460 19.78 -1.69 2.41
CA VAL A 460 19.74 -3.08 1.97
C VAL A 460 19.25 -3.83 3.20
N LEU A 461 18.18 -4.59 3.01
CA LEU A 461 17.56 -5.34 4.09
C LEU A 461 17.91 -6.81 3.94
N LEU A 462 18.35 -7.44 5.02
CA LEU A 462 18.72 -8.84 4.96
C LEU A 462 18.43 -9.55 6.27
N GLN A 463 18.33 -10.86 6.20
CA GLN A 463 18.07 -11.66 7.37
C GLN A 463 19.10 -12.76 7.42
N THR A 464 19.74 -12.90 8.56
CA THR A 464 20.74 -13.93 8.73
C THR A 464 20.22 -15.02 9.64
N ILE A 465 20.87 -16.18 9.62
CA ILE A 465 20.47 -17.27 10.47
C ILE A 465 21.68 -17.78 11.23
N THR A 466 21.48 -18.05 12.52
CA THR A 466 22.55 -18.55 13.37
C THR A 466 22.10 -19.87 13.97
N PRO A 467 22.63 -20.98 13.47
CA PRO A 467 22.28 -22.31 13.96
C PRO A 467 22.63 -22.42 15.45
N ASN A 468 21.68 -22.89 16.26
CA ASN A 468 21.93 -23.04 17.69
C ASN A 468 22.28 -24.49 18.00
N ALA A 476 17.69 -22.43 15.52
CA ALA A 476 18.50 -21.30 15.09
C ALA A 476 17.82 -19.98 15.45
N SER A 477 18.59 -18.89 15.41
CA SER A 477 18.07 -17.57 15.71
C SER A 477 18.23 -16.68 14.48
N ASN A 478 17.29 -15.76 14.31
CA ASN A 478 17.31 -14.87 13.15
C ASN A 478 17.53 -13.41 13.47
N TRP A 479 18.41 -12.80 12.70
CA TRP A 479 18.71 -11.38 12.84
C TRP A 479 18.39 -10.67 11.53
N THR A 480 17.58 -9.62 11.64
CA THR A 480 17.19 -8.82 10.49
C THR A 480 18.05 -7.56 10.52
N TYR A 481 18.69 -7.23 9.40
CA TYR A 481 19.54 -6.05 9.33
C TYR A 481 19.07 -5.06 8.28
N GLY A 482 19.36 -3.79 8.52
CA GLY A 482 19.05 -2.73 7.59
C GLY A 482 20.36 -1.97 7.52
N LEU A 483 21.09 -2.12 6.42
CA LEU A 483 22.38 -1.46 6.30
C LEU A 483 22.48 -0.49 5.13
N ASP A 484 23.48 0.37 5.17
CA ASP A 484 23.72 1.33 4.11
C ASP A 484 24.39 0.53 2.99
N PRO A 485 23.72 0.38 1.84
CA PRO A 485 24.30 -0.36 0.73
C PRO A 485 25.60 0.22 0.18
N TYR A 486 25.79 1.52 0.37
CA TYR A 486 26.96 2.22 -0.13
C TYR A 486 28.20 2.03 0.74
N THR A 487 28.02 1.51 1.95
CA THR A 487 29.15 1.34 2.84
C THR A 487 29.16 0.03 3.63
N GLY A 488 28.02 -0.63 3.68
CA GLY A 488 27.91 -1.88 4.44
C GLY A 488 27.77 -1.60 5.93
N GLY A 489 27.76 -0.32 6.29
CA GLY A 489 27.65 0.04 7.70
C GLY A 489 26.32 0.64 8.10
N ARG A 490 26.32 1.28 9.25
CA ARG A 490 25.12 1.90 9.81
C ARG A 490 24.65 3.06 8.94
N THR A 491 23.34 3.11 8.69
CA THR A 491 22.75 4.19 7.91
C THR A 491 22.83 5.47 8.76
N SER A 492 22.72 6.63 8.11
CA SER A 492 22.77 7.89 8.83
C SER A 492 21.36 8.29 9.24
N PHE A 493 20.40 7.44 8.93
CA PHE A 493 19.01 7.68 9.28
C PHE A 493 18.48 6.39 9.90
N THR A 494 17.44 6.49 10.71
CA THR A 494 16.91 5.27 11.33
C THR A 494 16.11 4.52 10.27
N VAL A 495 16.35 3.21 10.21
CA VAL A 495 15.70 2.37 9.21
C VAL A 495 14.44 1.68 9.68
N PHE A 496 14.50 1.08 10.87
CA PHE A 496 13.37 0.34 11.41
C PHE A 496 12.53 1.07 12.45
N ASP A 497 11.22 0.86 12.38
CA ASP A 497 10.35 1.42 13.40
C ASP A 497 10.33 0.29 14.42
N LEU A 498 11.26 0.31 15.36
CA LEU A 498 11.34 -0.71 16.39
C LEU A 498 10.38 -0.47 17.54
N ALA A 499 9.84 0.74 17.60
CA ALA A 499 8.95 1.13 18.67
C ALA A 499 7.47 0.92 18.41
N ARG A 500 7.13 0.21 17.33
CA ARG A 500 5.74 -0.03 16.99
C ARG A 500 4.95 1.28 16.92
N GLN A 501 5.56 2.29 16.33
CA GLN A 501 4.91 3.60 16.20
C GLN A 501 4.06 3.74 14.95
N GLY A 502 4.35 2.94 13.93
CA GLY A 502 3.59 3.06 12.70
C GLY A 502 4.36 3.96 11.76
N VAL A 503 5.46 4.49 12.27
CA VAL A 503 6.35 5.34 11.49
C VAL A 503 7.75 5.22 12.05
N VAL A 504 8.73 5.58 11.24
CA VAL A 504 10.12 5.49 11.65
C VAL A 504 10.60 6.82 12.22
N ASP A 505 10.79 6.85 13.54
CA ASP A 505 11.25 8.07 14.20
C ASP A 505 12.34 7.76 15.22
N SER A 506 12.82 8.79 15.90
CA SER A 506 13.88 8.67 16.90
C SER A 506 13.61 7.69 18.05
N LYS A 507 12.34 7.34 18.26
CA LYS A 507 12.00 6.41 19.32
C LYS A 507 12.66 5.04 19.07
N SER A 508 13.08 4.81 17.83
CA SER A 508 13.71 3.55 17.48
C SER A 508 15.23 3.59 17.48
N ASP A 509 15.80 4.77 17.72
CA ASP A 509 17.24 4.89 17.74
C ASP A 509 17.82 4.38 19.05
N TYR A 510 19.12 4.17 19.08
CA TYR A 510 19.78 3.65 20.27
C TYR A 510 20.98 4.48 20.68
N SER A 511 21.19 4.60 21.98
CA SER A 511 22.31 5.38 22.50
C SER A 511 23.56 4.51 22.58
N TYR A 512 24.44 4.66 21.59
CA TYR A 512 25.68 3.90 21.52
C TYR A 512 26.85 4.77 21.97
N ASN A 513 27.28 4.58 23.21
CA ASN A 513 28.39 5.36 23.75
C ASN A 513 28.20 6.85 23.51
N LYS A 514 27.21 7.43 24.19
CA LYS A 514 26.93 8.86 24.11
C LYS A 514 26.43 9.33 22.73
N GLN A 515 26.11 8.40 21.85
CA GLN A 515 25.67 8.78 20.52
C GLN A 515 24.31 8.20 20.10
N ASN A 516 23.39 9.05 19.67
CA ASN A 516 22.10 8.55 19.20
C ASN A 516 22.38 8.00 17.80
N VAL A 517 22.22 6.70 17.67
CA VAL A 517 22.51 6.02 16.43
C VAL A 517 21.37 5.16 15.92
N ALA A 518 21.33 4.95 14.61
CA ALA A 518 20.32 4.12 14.00
C ALA A 518 20.67 2.68 14.36
N VAL A 519 19.66 1.86 14.60
CA VAL A 519 19.88 0.45 14.92
C VAL A 519 19.99 -0.28 13.59
N SER A 520 21.06 -1.04 13.39
CA SER A 520 21.24 -1.74 12.13
C SER A 520 20.69 -3.15 12.13
N GLY A 521 20.62 -3.76 13.30
CA GLY A 521 20.13 -5.12 13.38
C GLY A 521 19.25 -5.38 14.60
N THR A 522 18.30 -6.30 14.43
CA THR A 522 17.41 -6.68 15.51
C THR A 522 17.03 -8.15 15.34
N GLU A 523 17.00 -8.86 16.47
CA GLU A 523 16.67 -10.28 16.51
C GLU A 523 15.17 -10.47 16.37
N GLN A 524 14.74 -11.34 15.45
CA GLN A 524 13.32 -11.61 15.25
C GLN A 524 12.92 -13.07 15.46
N LYS A 525 11.64 -13.29 15.74
CA LYS A 525 11.10 -14.62 15.99
C LYS A 525 11.35 -15.65 14.88
N GLY A 526 11.10 -16.90 15.23
CA GLY A 526 11.28 -18.02 14.31
C GLY A 526 11.33 -17.72 12.83
N LEU A 527 12.25 -18.39 12.14
CA LEU A 527 12.46 -18.23 10.70
C LEU A 527 11.18 -17.96 9.92
N GLY A 528 11.31 -17.10 8.91
CA GLY A 528 10.18 -16.75 8.07
C GLY A 528 10.62 -15.98 6.84
N GLY A 529 11.93 -15.85 6.67
CA GLY A 529 12.47 -15.13 5.53
C GLY A 529 12.06 -13.66 5.58
N LEU A 530 12.49 -12.89 4.59
CA LEU A 530 12.12 -11.48 4.55
C LEU A 530 11.30 -11.14 3.33
N THR A 531 10.23 -10.38 3.55
CA THR A 531 9.35 -9.93 2.49
C THR A 531 9.17 -8.44 2.64
N LEU A 532 9.08 -7.74 1.52
CA LEU A 532 8.89 -6.30 1.53
C LEU A 532 7.49 -6.02 1.02
N SER A 533 6.71 -5.26 1.77
CA SER A 533 5.35 -4.92 1.38
C SER A 533 5.02 -3.49 1.80
N THR A 534 3.77 -3.12 1.59
CA THR A 534 3.32 -1.78 1.94
C THR A 534 2.09 -1.85 2.83
N ASN A 535 2.19 -1.35 4.05
CA ASN A 535 1.07 -1.35 4.97
C ASN A 535 0.10 -0.28 4.47
N GLU A 536 -1.20 -0.58 4.50
CA GLU A 536 -2.21 0.34 4.03
C GLU A 536 -1.97 1.78 4.50
N GLN A 537 -1.23 2.53 3.69
CA GLN A 537 -0.89 3.92 3.96
C GLN A 537 0.35 4.28 3.16
N GLY A 538 0.73 3.41 2.23
CA GLY A 538 1.88 3.67 1.38
C GLY A 538 3.23 3.49 2.06
N ASN A 539 3.22 3.13 3.34
CA ASN A 539 4.47 2.94 4.06
C ASN A 539 5.05 1.54 3.84
N PRO A 540 6.31 1.47 3.38
CA PRO A 540 6.95 0.17 3.14
C PRO A 540 7.25 -0.52 4.46
N GLU A 541 7.05 -1.83 4.50
CA GLU A 541 7.31 -2.63 5.69
C GLU A 541 8.09 -3.85 5.28
N VAL A 542 8.87 -4.37 6.21
CA VAL A 542 9.63 -5.58 5.95
C VAL A 542 9.12 -6.57 6.98
N CYS A 543 8.71 -7.74 6.52
CA CYS A 543 8.18 -8.74 7.43
C CYS A 543 9.02 -10.00 7.37
N SER A 544 9.00 -10.77 8.45
CA SER A 544 9.73 -12.01 8.51
C SER A 544 8.80 -13.09 9.04
N SER A 545 8.45 -12.95 10.32
CA SER A 545 7.58 -13.90 10.97
C SER A 545 7.12 -13.29 12.29
N GLY A 546 5.81 -13.25 12.48
CA GLY A 546 5.27 -12.69 13.70
C GLY A 546 5.32 -11.18 13.72
N GLU A 547 6.42 -10.61 13.22
CA GLU A 547 6.56 -9.15 13.21
C GLU A 547 6.90 -8.56 11.85
N CYS A 548 6.27 -7.42 11.56
CA CYS A 548 6.52 -6.67 10.36
C CYS A 548 7.06 -5.37 10.92
N LEU A 549 8.05 -4.78 10.25
CA LEU A 549 8.61 -3.53 10.73
C LEU A 549 8.52 -2.46 9.66
N THR A 550 7.88 -1.34 9.99
CA THR A 550 7.78 -0.25 9.05
C THR A 550 9.23 0.17 8.79
N VAL A 551 9.59 0.41 7.54
CA VAL A 551 10.95 0.79 7.23
C VAL A 551 11.07 2.11 6.49
N ASN A 552 12.22 2.74 6.65
CA ASN A 552 12.50 4.01 6.00
C ASN A 552 13.67 3.80 5.04
N PRO A 553 13.39 3.75 3.73
CA PRO A 553 14.40 3.55 2.68
C PRO A 553 15.47 4.63 2.67
N GLY A 554 15.20 5.74 3.34
CA GLY A 554 16.15 6.83 3.37
C GLY A 554 15.53 8.14 2.94
N PRO A 555 16.15 9.27 3.30
CA PRO A 555 15.61 10.60 2.93
C PRO A 555 15.42 10.75 1.42
N PRO B 52 -16.99 -0.42 2.59
CA PRO B 52 -16.50 0.65 3.49
C PRO B 52 -16.48 0.18 4.94
N ALA B 53 -17.39 -0.73 5.28
CA ALA B 53 -17.48 -1.26 6.63
C ALA B 53 -16.70 -2.56 6.79
N THR B 54 -15.40 -2.49 6.58
CA THR B 54 -14.54 -3.66 6.71
C THR B 54 -13.70 -3.54 7.98
N VAL B 55 -13.70 -4.58 8.80
CA VAL B 55 -12.95 -4.58 10.04
C VAL B 55 -11.78 -5.56 10.01
N GLY B 56 -10.59 -5.03 9.71
CA GLY B 56 -9.40 -5.87 9.67
C GLY B 56 -8.43 -5.53 10.79
N LYS B 57 -7.40 -4.78 10.45
CA LYS B 57 -6.39 -4.38 11.43
C LYS B 57 -6.83 -3.09 12.11
N ALA B 58 -6.03 -2.62 13.07
CA ALA B 58 -6.35 -1.38 13.77
C ALA B 58 -6.53 -0.32 12.70
N GLN B 59 -7.46 0.60 12.91
CA GLN B 59 -7.73 1.65 11.94
C GLN B 59 -6.67 2.75 11.87
N TYR B 60 -5.99 2.98 12.99
CA TYR B 60 -4.98 4.05 13.05
C TYR B 60 -3.53 3.63 13.17
N LEU B 61 -2.65 4.56 12.86
CA LEU B 61 -1.22 4.34 13.02
C LEU B 61 -1.08 4.69 14.50
N THR B 62 -0.32 3.88 15.23
CA THR B 62 -0.15 4.12 16.65
C THR B 62 0.29 5.52 17.05
N TYR B 63 1.26 6.09 16.35
CA TYR B 63 1.74 7.42 16.73
C TYR B 63 0.66 8.50 16.60
N LEU B 64 -0.38 8.22 15.83
CA LEU B 64 -1.46 9.19 15.67
C LEU B 64 -2.60 8.93 16.65
N ALA B 65 -2.83 7.67 17.01
CA ALA B 65 -3.91 7.34 17.93
C ALA B 65 -3.53 7.41 19.41
N GLN B 66 -2.32 6.95 19.73
CA GLN B 66 -1.86 6.94 21.11
C GLN B 66 -1.94 8.28 21.86
N PRO B 67 -1.49 9.38 21.22
CA PRO B 67 -1.54 10.70 21.87
C PRO B 67 -2.96 11.13 22.22
N ILE B 68 -3.95 10.55 21.55
CA ILE B 68 -5.34 10.91 21.81
C ILE B 68 -5.79 10.37 23.16
N GLU B 69 -5.29 9.19 23.51
CA GLU B 69 -5.66 8.58 24.78
C GLU B 69 -4.45 8.11 25.56
N PRO B 70 -3.78 9.03 26.28
CA PRO B 70 -2.60 8.65 27.05
C PRO B 70 -2.86 7.53 28.05
N SER B 71 -4.10 7.44 28.52
CA SER B 71 -4.46 6.40 29.48
C SER B 71 -4.65 5.04 28.81
N GLY B 72 -4.39 4.98 27.51
CA GLY B 72 -4.54 3.71 26.82
C GLY B 72 -3.26 3.26 26.15
N ASN B 73 -3.28 2.09 25.54
CA ASN B 73 -2.12 1.56 24.85
C ASN B 73 -2.61 1.08 23.49
N TYR B 74 -2.53 1.95 22.49
CA TYR B 74 -3.00 1.59 21.16
C TYR B 74 -2.10 0.56 20.52
N SER B 75 -0.83 0.57 20.91
CA SER B 75 0.16 -0.36 20.39
C SER B 75 -0.27 -1.82 20.62
N THR B 76 -0.65 -2.13 21.85
CA THR B 76 -1.07 -3.49 22.18
C THR B 76 -2.36 -3.79 21.43
N PHE B 77 -3.23 -2.79 21.32
CA PHE B 77 -4.50 -2.97 20.61
C PHE B 77 -4.24 -3.31 19.15
N ALA B 78 -3.38 -2.52 18.51
CA ALA B 78 -3.05 -2.73 17.10
C ALA B 78 -2.44 -4.11 16.87
N GLU B 79 -1.49 -4.50 17.72
CA GLU B 79 -0.86 -5.81 17.59
C GLU B 79 -1.91 -6.91 17.62
N ALA B 80 -2.81 -6.84 18.61
CA ALA B 80 -3.86 -7.82 18.75
C ALA B 80 -4.78 -7.92 17.53
N GLN B 81 -4.88 -6.84 16.75
CA GLN B 81 -5.75 -6.86 15.58
C GLN B 81 -5.03 -7.30 14.31
N LYS B 82 -3.70 -7.38 14.38
CA LYS B 82 -2.90 -7.81 13.24
C LYS B 82 -3.33 -9.22 12.86
N THR B 83 -3.77 -9.96 13.87
CA THR B 83 -4.21 -11.35 13.71
C THR B 83 -5.73 -11.49 13.73
N ARG B 84 -6.44 -10.37 13.78
CA ARG B 84 -7.90 -10.41 13.80
C ARG B 84 -8.50 -10.92 12.50
N ALA B 85 -9.49 -11.80 12.61
CA ALA B 85 -10.17 -12.36 11.45
C ALA B 85 -10.98 -11.28 10.77
N PRO B 86 -10.59 -10.89 9.55
CA PRO B 86 -11.27 -9.85 8.77
C PRO B 86 -12.76 -10.12 8.58
N ARG B 87 -13.57 -9.08 8.79
CA ARG B 87 -15.01 -9.18 8.62
C ARG B 87 -15.54 -7.97 7.88
N VAL B 88 -16.56 -8.18 7.07
CA VAL B 88 -17.19 -7.10 6.33
C VAL B 88 -18.62 -7.02 6.80
N TYR B 89 -19.05 -5.81 7.15
CA TYR B 89 -20.41 -5.61 7.62
C TYR B 89 -21.17 -4.79 6.59
N VAL B 90 -22.27 -5.37 6.12
CA VAL B 90 -23.10 -4.71 5.13
C VAL B 90 -24.43 -4.31 5.74
N GLY B 91 -24.79 -3.04 5.58
CA GLY B 91 -26.05 -2.56 6.09
C GLY B 91 -27.12 -3.12 5.18
N ALA B 92 -28.01 -3.92 5.73
CA ALA B 92 -29.07 -4.53 4.95
C ALA B 92 -30.33 -3.66 4.92
N ASN B 93 -31.44 -4.28 4.54
CA ASN B 93 -32.73 -3.61 4.44
C ASN B 93 -33.06 -2.80 5.69
N ASP B 94 -32.74 -1.51 5.65
CA ASP B 94 -33.00 -0.59 6.75
C ASP B 94 -33.08 -1.26 8.12
N GLY B 95 -31.99 -1.17 8.88
CA GLY B 95 -31.94 -1.78 10.19
C GLY B 95 -31.12 -3.06 10.21
N MET B 96 -31.54 -4.04 9.42
CA MET B 96 -30.84 -5.32 9.33
C MET B 96 -29.35 -5.11 9.06
N LEU B 97 -28.51 -5.84 9.79
CA LEU B 97 -27.07 -5.73 9.63
C LEU B 97 -26.49 -7.14 9.54
N HIS B 98 -25.79 -7.41 8.46
CA HIS B 98 -25.19 -8.73 8.26
C HIS B 98 -23.68 -8.67 8.17
N GLY B 99 -23.01 -9.59 8.85
CA GLY B 99 -21.57 -9.64 8.83
C GLY B 99 -21.07 -10.84 8.05
N PHE B 100 -20.12 -10.61 7.16
CA PHE B 100 -19.55 -11.66 6.32
C PHE B 100 -18.04 -11.76 6.53
N ASP B 101 -17.48 -12.90 6.16
CA ASP B 101 -16.05 -13.11 6.28
C ASP B 101 -15.43 -12.64 4.97
N THR B 102 -14.10 -12.60 4.91
CA THR B 102 -13.41 -12.17 3.70
C THR B 102 -13.92 -12.96 2.51
N ASP B 103 -14.52 -14.10 2.79
CA ASP B 103 -15.07 -14.97 1.75
C ASP B 103 -16.59 -15.04 1.92
N GLY B 104 -17.26 -13.96 1.54
CA GLY B 104 -18.71 -13.86 1.62
C GLY B 104 -19.46 -14.99 2.34
N ASN B 105 -19.11 -15.22 3.60
CA ASN B 105 -19.77 -16.27 4.38
C ASN B 105 -20.53 -15.72 5.58
N GLU B 106 -21.80 -16.08 5.68
CA GLU B 106 -22.65 -15.65 6.78
C GLU B 106 -21.98 -15.94 8.10
N THR B 107 -21.48 -14.89 8.76
CA THR B 107 -20.82 -15.04 10.03
C THR B 107 -21.61 -14.41 11.16
N PHE B 108 -22.24 -13.27 10.87
CA PHE B 108 -22.99 -12.55 11.88
C PHE B 108 -24.19 -11.81 11.30
N ALA B 109 -25.09 -11.41 12.18
CA ALA B 109 -26.28 -10.68 11.79
C ALA B 109 -26.87 -10.01 13.02
N PHE B 110 -27.18 -8.72 12.89
CA PHE B 110 -27.77 -7.98 13.99
C PHE B 110 -29.15 -7.47 13.62
N ILE B 111 -30.11 -7.69 14.52
CA ILE B 111 -31.47 -7.25 14.30
C ILE B 111 -31.84 -6.31 15.43
N PRO B 112 -31.88 -4.99 15.15
CA PRO B 112 -32.22 -3.99 16.17
C PRO B 112 -33.60 -4.17 16.77
N SER B 113 -33.74 -3.79 18.04
CA SER B 113 -35.01 -3.89 18.75
C SER B 113 -36.13 -3.29 17.90
N ALA B 114 -35.77 -2.30 17.08
CA ALA B 114 -36.73 -1.64 16.22
C ALA B 114 -37.41 -2.64 15.29
N VAL B 115 -36.64 -3.55 14.72
CA VAL B 115 -37.18 -4.55 13.81
C VAL B 115 -38.20 -5.42 14.52
N PHE B 116 -37.85 -5.93 15.69
CA PHE B 116 -38.74 -6.77 16.47
C PHE B 116 -39.97 -5.99 16.90
N GLU B 117 -39.81 -4.68 17.05
CA GLU B 117 -40.91 -3.81 17.45
C GLU B 117 -41.97 -3.87 16.36
N LYS B 118 -41.56 -4.39 15.19
CA LYS B 118 -42.42 -4.54 14.03
C LYS B 118 -43.63 -3.61 14.04
N GLY B 130 -32.72 -0.16 -8.16
CA GLY B 130 -31.44 -0.80 -7.99
C GLY B 130 -30.43 0.12 -7.32
N ALA B 131 -30.18 1.26 -7.95
CA ALA B 131 -29.23 2.24 -7.41
C ALA B 131 -29.82 2.90 -6.16
N HIS B 132 -31.11 3.22 -6.23
CA HIS B 132 -31.79 3.86 -5.11
C HIS B 132 -31.79 2.95 -3.89
N GLN B 133 -31.90 1.65 -4.12
CA GLN B 133 -31.91 0.67 -3.04
C GLN B 133 -30.53 0.56 -2.40
N PHE B 134 -29.48 0.79 -3.19
CA PHE B 134 -28.12 0.72 -2.67
C PHE B 134 -27.90 1.78 -1.59
N TYR B 135 -28.30 3.01 -1.89
CA TYR B 135 -28.16 4.12 -0.95
C TYR B 135 -29.12 3.98 0.24
N VAL B 136 -30.38 3.65 -0.05
CA VAL B 136 -31.38 3.50 1.00
C VAL B 136 -31.10 2.32 1.92
N ASP B 137 -30.51 1.25 1.37
CA ASP B 137 -30.19 0.07 2.16
C ASP B 137 -29.27 0.42 3.33
N GLY B 138 -28.10 0.99 3.01
CA GLY B 138 -27.18 1.35 4.06
C GLY B 138 -25.70 1.23 3.76
N SER B 139 -24.93 1.21 4.84
CA SER B 139 -23.47 1.10 4.84
C SER B 139 -23.02 1.62 6.20
N PRO B 140 -22.93 0.71 7.19
CA PRO B 140 -22.52 1.08 8.55
C PRO B 140 -21.15 1.73 8.61
N VAL B 141 -20.87 2.39 9.73
CA VAL B 141 -19.59 3.04 9.93
C VAL B 141 -18.78 2.30 10.98
N VAL B 142 -17.54 1.96 10.65
CA VAL B 142 -16.68 1.28 11.62
C VAL B 142 -15.51 2.19 11.94
N ALA B 143 -15.05 2.12 13.19
CA ALA B 143 -13.93 2.95 13.60
C ALA B 143 -13.41 2.48 14.94
N ASP B 144 -12.17 2.85 15.24
CA ASP B 144 -11.60 2.50 16.52
C ASP B 144 -11.93 3.67 17.43
N ALA B 145 -12.43 3.37 18.62
CA ALA B 145 -12.79 4.40 19.56
C ALA B 145 -12.30 3.99 20.95
N PHE B 146 -12.17 4.97 21.85
CA PHE B 146 -11.70 4.68 23.19
C PHE B 146 -12.77 4.97 24.24
N PHE B 147 -13.03 3.97 25.07
CA PHE B 147 -14.02 4.10 26.15
C PHE B 147 -13.90 2.91 27.09
N GLY B 148 -14.38 3.06 28.32
CA GLY B 148 -14.26 1.96 29.26
C GLY B 148 -12.78 1.73 29.53
N GLY B 149 -11.98 2.78 29.30
CA GLY B 149 -10.54 2.69 29.52
C GLY B 149 -9.77 1.82 28.54
N ALA B 150 -10.38 1.51 27.40
CA ALA B 150 -9.72 0.67 26.42
C ALA B 150 -10.12 1.00 24.99
N TRP B 151 -9.33 0.53 24.04
CA TRP B 151 -9.61 0.75 22.64
C TRP B 151 -10.54 -0.34 22.14
N HIS B 152 -11.50 0.04 21.29
CA HIS B 152 -12.45 -0.91 20.73
C HIS B 152 -12.68 -0.53 19.29
N THR B 153 -13.17 -1.48 18.51
CA THR B 153 -13.54 -1.18 17.14
C THR B 153 -15.05 -1.20 17.23
N VAL B 154 -15.67 -0.08 16.90
CA VAL B 154 -17.11 0.02 16.97
C VAL B 154 -17.74 0.07 15.59
N LEU B 155 -19.03 -0.26 15.53
CA LEU B 155 -19.77 -0.21 14.30
C LEU B 155 -21.05 0.55 14.62
N ILE B 156 -21.27 1.65 13.92
CA ILE B 156 -22.46 2.46 14.14
C ILE B 156 -23.43 2.18 13.01
N GLY B 157 -24.64 1.77 13.36
CA GLY B 157 -25.65 1.46 12.35
C GLY B 157 -26.84 2.38 12.45
N SER B 158 -27.65 2.40 11.40
CA SER B 158 -28.85 3.23 11.37
C SER B 158 -30.03 2.40 10.87
N LEU B 159 -31.22 2.70 11.39
CA LEU B 159 -32.42 2.00 10.98
C LEU B 159 -32.74 2.34 9.53
N ARG B 160 -32.17 3.45 9.05
CA ARG B 160 -32.37 3.88 7.68
C ARG B 160 -33.84 4.23 7.41
N ALA B 161 -34.37 3.67 6.32
CA ALA B 161 -35.76 3.90 5.94
C ALA B 161 -36.68 3.03 6.79
N GLY B 162 -36.09 2.07 7.50
CA GLY B 162 -36.89 1.19 8.34
C GLY B 162 -37.57 2.00 9.43
N GLY B 163 -36.75 2.59 10.30
CA GLY B 163 -37.29 3.38 11.38
C GLY B 163 -36.38 4.54 11.72
N LYS B 164 -36.63 5.17 12.86
CA LYS B 164 -35.83 6.30 13.30
C LYS B 164 -34.98 5.88 14.50
N GLY B 165 -33.71 5.57 14.25
CA GLY B 165 -32.83 5.18 15.32
C GLY B 165 -31.43 4.82 14.88
N LEU B 166 -30.53 4.71 15.86
CA LEU B 166 -29.14 4.36 15.61
C LEU B 166 -28.74 3.31 16.64
N PHE B 167 -27.68 2.57 16.34
CA PHE B 167 -27.18 1.59 17.29
C PHE B 167 -25.66 1.49 17.12
N ALA B 168 -25.00 1.03 18.17
CA ALA B 168 -23.56 0.87 18.12
C ALA B 168 -23.21 -0.53 18.61
N LEU B 169 -22.34 -1.19 17.88
CA LEU B 169 -21.91 -2.53 18.24
C LEU B 169 -20.42 -2.51 18.49
N ASP B 170 -19.97 -3.37 19.40
CA ASP B 170 -18.56 -3.51 19.71
C ASP B 170 -18.15 -4.68 18.83
N VAL B 171 -17.44 -4.39 17.75
CA VAL B 171 -17.01 -5.41 16.82
C VAL B 171 -15.51 -5.70 16.91
N THR B 172 -14.92 -5.38 18.06
CA THR B 172 -13.50 -5.61 18.26
C THR B 172 -13.17 -7.09 18.10
N ASP B 173 -14.00 -7.93 18.71
CA ASP B 173 -13.82 -9.39 18.64
C ASP B 173 -14.93 -9.96 17.76
N PRO B 174 -14.58 -10.36 16.52
CA PRO B 174 -15.59 -10.91 15.60
C PRO B 174 -16.32 -12.13 16.16
N ALA B 175 -15.72 -12.77 17.15
CA ALA B 175 -16.30 -13.95 17.78
C ALA B 175 -17.23 -13.58 18.92
N ASN B 176 -17.08 -12.37 19.45
CA ASN B 176 -17.91 -11.92 20.55
C ASN B 176 -18.37 -10.47 20.39
N ILE B 177 -19.24 -10.24 19.42
CA ILE B 177 -19.77 -8.91 19.15
C ILE B 177 -20.80 -8.55 20.21
N LYS B 178 -20.74 -7.31 20.70
CA LYS B 178 -21.67 -6.88 21.74
C LYS B 178 -22.46 -5.64 21.34
N LEU B 179 -23.63 -5.50 21.93
CA LEU B 179 -24.50 -4.34 21.67
C LEU B 179 -24.11 -3.28 22.69
N LEU B 180 -23.62 -2.13 22.20
CA LEU B 180 -23.24 -1.06 23.10
C LEU B 180 -24.49 -0.30 23.50
N TRP B 181 -25.26 0.12 22.50
CA TRP B 181 -26.50 0.84 22.75
C TRP B 181 -27.35 0.98 21.50
N GLU B 182 -28.60 1.37 21.72
CA GLU B 182 -29.56 1.59 20.65
C GLU B 182 -30.28 2.88 21.02
N ILE B 183 -30.46 3.76 20.04
CA ILE B 183 -31.14 5.02 20.29
C ILE B 183 -32.35 5.14 19.39
N GLY B 184 -33.47 5.57 19.98
CA GLY B 184 -34.69 5.75 19.21
C GLY B 184 -35.31 7.08 19.59
N VAL B 185 -36.46 7.39 19.00
CA VAL B 185 -37.14 8.65 19.29
C VAL B 185 -37.40 8.80 20.79
N ASP B 186 -37.52 7.68 21.50
CA ASP B 186 -37.75 7.73 22.94
C ASP B 186 -36.55 8.37 23.64
N GLN B 187 -35.35 8.09 23.13
CA GLN B 187 -34.13 8.66 23.69
C GLN B 187 -33.86 10.04 23.08
N GLU B 188 -34.10 10.17 21.79
CA GLU B 188 -33.89 11.42 21.08
C GLU B 188 -35.14 11.77 20.27
N PRO B 189 -36.02 12.62 20.84
CA PRO B 189 -37.27 13.06 20.21
C PRO B 189 -37.14 13.63 18.80
N ASP B 190 -36.07 14.38 18.54
CA ASP B 190 -35.85 14.98 17.24
C ASP B 190 -35.13 14.07 16.25
N LEU B 191 -35.04 12.79 16.59
CA LEU B 191 -34.37 11.82 15.73
C LEU B 191 -35.26 11.50 14.53
N GLY B 192 -34.70 11.63 13.33
CA GLY B 192 -35.45 11.33 12.14
C GLY B 192 -34.88 10.08 11.49
N TYR B 193 -35.30 9.80 10.27
CA TYR B 193 -34.78 8.63 9.56
C TYR B 193 -33.29 8.84 9.41
N SER B 194 -32.52 7.88 9.92
CA SER B 194 -31.07 7.98 9.93
C SER B 194 -30.27 7.70 8.66
N PHE B 195 -30.52 8.49 7.64
CA PHE B 195 -29.79 8.36 6.39
C PHE B 195 -28.41 9.00 6.54
N PRO B 196 -28.30 10.07 7.35
CA PRO B 196 -27.00 10.71 7.52
C PRO B 196 -25.94 9.72 8.00
N LYS B 197 -24.73 9.87 7.49
CA LYS B 197 -23.63 9.01 7.87
C LYS B 197 -22.95 9.62 9.09
N PRO B 198 -22.90 8.87 10.20
CA PRO B 198 -22.28 9.39 11.43
C PRO B 198 -20.76 9.34 11.40
N THR B 199 -20.14 10.17 12.23
CA THR B 199 -18.69 10.17 12.33
C THR B 199 -18.37 9.82 13.77
N VAL B 200 -17.38 8.96 13.97
CA VAL B 200 -16.96 8.58 15.31
C VAL B 200 -15.75 9.46 15.57
N ALA B 201 -15.78 10.25 16.64
CA ALA B 201 -14.65 11.12 16.91
C ALA B 201 -14.41 11.41 18.39
N ARG B 202 -13.20 11.88 18.67
CA ARG B 202 -12.82 12.25 20.03
C ARG B 202 -13.12 13.74 20.18
N LEU B 203 -13.79 14.10 21.26
CA LEU B 203 -14.17 15.50 21.50
C LEU B 203 -13.49 16.13 22.71
N HIS B 204 -13.56 17.46 22.77
CA HIS B 204 -12.99 18.24 23.86
C HIS B 204 -13.70 18.03 25.18
N ASN B 205 -14.76 17.22 25.19
CA ASN B 205 -15.45 16.96 26.45
C ASN B 205 -14.75 15.79 27.12
N GLY B 206 -13.65 15.33 26.49
CA GLY B 206 -12.86 14.24 27.05
C GLY B 206 -13.24 12.83 26.63
N LYS B 207 -14.24 12.69 25.76
CA LYS B 207 -14.67 11.36 25.34
C LYS B 207 -14.92 11.21 23.85
N TRP B 208 -15.04 9.97 23.44
CA TRP B 208 -15.32 9.66 22.06
C TRP B 208 -16.83 9.74 21.92
N ALA B 209 -17.30 10.12 20.75
CA ALA B 209 -18.71 10.25 20.53
C ALA B 209 -19.10 9.94 19.10
N VAL B 210 -20.40 9.71 18.90
CA VAL B 210 -20.91 9.48 17.58
C VAL B 210 -21.54 10.83 17.27
N VAL B 211 -21.03 11.49 16.24
CA VAL B 211 -21.56 12.78 15.84
C VAL B 211 -22.28 12.57 14.52
N THR B 212 -23.53 12.98 14.45
CA THR B 212 -24.28 12.77 13.23
C THR B 212 -25.42 13.77 13.11
N GLY B 213 -26.07 13.80 11.95
CA GLY B 213 -27.19 14.70 11.76
C GLY B 213 -28.43 14.02 12.31
N ASN B 214 -29.41 14.79 12.78
CA ASN B 214 -30.62 14.20 13.35
C ASN B 214 -31.43 13.39 12.34
N GLY B 215 -31.12 13.56 11.06
CA GLY B 215 -31.87 12.79 10.07
C GLY B 215 -33.05 13.54 9.47
N TYR B 216 -33.85 12.82 8.70
CA TYR B 216 -34.97 13.43 8.00
C TYR B 216 -36.38 13.06 8.44
N SER B 217 -37.30 13.98 8.18
CA SER B 217 -38.71 13.83 8.54
C SER B 217 -38.84 13.38 9.99
N SER B 218 -38.16 14.10 10.87
CA SER B 218 -38.20 13.82 12.29
C SER B 218 -39.49 14.42 12.82
N MET B 219 -39.91 13.96 13.99
CA MET B 219 -41.12 14.43 14.65
C MET B 219 -41.58 15.81 14.17
N ASN B 220 -40.80 16.83 14.49
CA ASN B 220 -41.14 18.19 14.09
C ASN B 220 -40.31 18.75 12.95
N ASP B 221 -39.79 17.86 12.11
CA ASP B 221 -38.99 18.26 10.95
C ASP B 221 -37.88 19.27 11.24
N LYS B 222 -37.33 19.23 12.45
CA LYS B 222 -36.27 20.16 12.81
C LYS B 222 -34.92 19.59 12.40
N ALA B 223 -33.89 20.44 12.38
CA ALA B 223 -32.55 20.02 12.02
C ALA B 223 -31.62 20.29 13.19
N ALA B 224 -30.84 19.28 13.56
CA ALA B 224 -29.92 19.43 14.69
C ALA B 224 -28.75 18.46 14.60
N LEU B 225 -27.62 18.86 15.20
CA LEU B 225 -26.45 18.01 15.25
C LEU B 225 -26.59 17.19 16.52
N LEU B 226 -26.39 15.88 16.41
CA LEU B 226 -26.49 15.01 17.57
C LEU B 226 -25.12 14.54 17.98
N ILE B 227 -24.77 14.77 19.24
CA ILE B 227 -23.49 14.33 19.77
C ILE B 227 -23.86 13.26 20.78
N ILE B 228 -23.59 12.02 20.41
CA ILE B 228 -23.93 10.85 21.22
C ILE B 228 -22.71 10.21 21.88
N ASP B 229 -22.75 10.08 23.20
CA ASP B 229 -21.63 9.48 23.93
C ASP B 229 -21.40 8.06 23.42
N MET B 230 -20.16 7.78 23.04
CA MET B 230 -19.82 6.47 22.49
C MET B 230 -20.12 5.30 23.42
N GLU B 231 -19.71 5.41 24.68
CA GLU B 231 -19.92 4.34 25.63
C GLU B 231 -21.36 4.17 26.12
N THR B 232 -22.03 5.28 26.41
CA THR B 232 -23.39 5.25 26.94
C THR B 232 -24.53 5.34 25.92
N GLY B 233 -24.29 6.05 24.83
CA GLY B 233 -25.34 6.21 23.83
C GLY B 233 -26.24 7.35 24.27
N ALA B 234 -25.82 8.02 25.34
CA ALA B 234 -26.57 9.15 25.87
C ALA B 234 -26.37 10.35 24.95
N ILE B 235 -27.39 11.19 24.84
CA ILE B 235 -27.29 12.38 24.01
C ILE B 235 -26.52 13.42 24.82
N THR B 236 -25.23 13.59 24.50
CA THR B 236 -24.39 14.55 25.21
C THR B 236 -24.83 15.98 24.89
N ARG B 237 -25.11 16.24 23.62
CA ARG B 237 -25.57 17.57 23.20
C ARG B 237 -26.35 17.45 21.90
N LYS B 238 -27.38 18.29 21.77
CA LYS B 238 -28.19 18.36 20.56
C LYS B 238 -28.16 19.83 20.16
N LEU B 239 -27.46 20.12 19.06
CA LEU B 239 -27.33 21.48 18.58
C LEU B 239 -28.36 21.75 17.50
N GLU B 240 -29.45 22.40 17.89
CA GLU B 240 -30.52 22.71 16.97
C GLU B 240 -30.15 23.87 16.06
N VAL B 241 -30.59 23.75 14.82
CA VAL B 241 -30.31 24.75 13.81
C VAL B 241 -31.64 25.37 13.35
N THR B 242 -31.66 26.68 13.13
CA THR B 242 -32.88 27.37 12.72
C THR B 242 -32.92 27.74 11.24
N GLY B 243 -33.65 26.94 10.46
CA GLY B 243 -33.78 27.19 9.03
C GLY B 243 -35.07 27.93 8.71
N ARG B 244 -35.69 27.59 7.58
CA ARG B 244 -36.93 28.24 7.15
C ARG B 244 -38.18 27.61 7.76
N THR B 245 -39.07 28.47 8.25
CA THR B 245 -40.32 28.05 8.88
C THR B 245 -41.19 27.23 7.94
N GLY B 246 -41.93 26.28 8.52
CA GLY B 246 -42.83 25.45 7.74
C GLY B 246 -42.19 24.55 6.69
N VAL B 247 -40.92 24.76 6.40
CA VAL B 247 -40.24 23.94 5.42
C VAL B 247 -39.56 22.79 6.15
N PRO B 248 -39.94 21.54 5.83
CA PRO B 248 -39.33 20.38 6.48
C PRO B 248 -37.81 20.46 6.43
N ASN B 249 -37.17 20.11 7.54
CA ASN B 249 -35.72 20.16 7.60
C ASN B 249 -35.14 18.95 8.32
N GLY B 250 -33.82 18.84 8.28
CA GLY B 250 -33.13 17.73 8.91
C GLY B 250 -31.65 17.92 8.63
N LEU B 251 -30.81 17.63 9.61
CA LEU B 251 -29.37 17.78 9.41
C LEU B 251 -28.80 16.54 8.75
N SER B 252 -27.90 16.75 7.80
CA SER B 252 -27.29 15.62 7.10
C SER B 252 -25.95 15.20 7.69
N SER B 253 -25.22 14.37 6.96
CA SER B 253 -23.92 13.86 7.39
C SER B 253 -22.94 14.97 7.73
N PRO B 254 -22.44 14.98 8.96
CA PRO B 254 -21.49 16.02 9.32
C PRO B 254 -20.06 15.66 8.97
N ARG B 255 -19.22 16.68 8.92
CA ARG B 255 -17.80 16.48 8.66
C ARG B 255 -17.15 17.17 9.84
N LEU B 256 -16.34 16.44 10.59
CA LEU B 256 -15.68 17.02 11.73
C LEU B 256 -14.33 17.56 11.31
N ALA B 257 -13.95 18.68 11.90
CA ALA B 257 -12.68 19.31 11.57
C ALA B 257 -11.76 19.31 12.77
N ASP B 258 -10.51 18.93 12.52
CA ASP B 258 -9.47 18.90 13.54
C ASP B 258 -8.40 19.84 12.99
N ASN B 259 -8.44 21.11 13.41
CA ASN B 259 -7.50 22.08 12.88
C ASN B 259 -6.10 22.21 13.46
N ASN B 260 -5.75 21.43 14.48
CA ASN B 260 -4.39 21.48 15.03
C ASN B 260 -3.85 20.05 15.05
N SER B 261 -4.47 19.20 14.23
CA SER B 261 -4.10 17.80 14.07
C SER B 261 -3.66 17.06 15.33
N ASP B 262 -4.55 16.96 16.31
CA ASP B 262 -4.22 16.24 17.53
C ASP B 262 -5.24 15.11 17.75
N GLY B 263 -6.09 14.90 16.75
CA GLY B 263 -7.08 13.84 16.83
C GLY B 263 -8.35 14.14 17.61
N VAL B 264 -8.52 15.38 18.04
CA VAL B 264 -9.71 15.78 18.80
C VAL B 264 -10.49 16.78 17.94
N ALA B 265 -11.72 16.46 17.58
CA ALA B 265 -12.51 17.37 16.75
C ALA B 265 -12.74 18.75 17.38
N ASP B 266 -12.68 19.79 16.53
CA ASP B 266 -12.86 21.17 16.98
C ASP B 266 -14.15 21.80 16.45
N TYR B 267 -14.50 21.45 15.21
CA TYR B 267 -15.72 21.94 14.58
C TYR B 267 -16.37 20.79 13.85
N ALA B 268 -17.61 21.01 13.47
CA ALA B 268 -18.37 20.04 12.69
C ALA B 268 -19.12 20.89 11.67
N TYR B 269 -19.15 20.41 10.42
CA TYR B 269 -19.86 21.08 9.35
C TYR B 269 -20.89 20.10 8.84
N ALA B 270 -22.08 20.58 8.56
CA ALA B 270 -23.13 19.72 8.05
C ALA B 270 -24.17 20.52 7.27
N GLY B 271 -24.67 19.93 6.20
CA GLY B 271 -25.70 20.60 5.42
C GLY B 271 -27.05 20.07 5.88
N ASP B 272 -28.13 20.75 5.48
CA ASP B 272 -29.47 20.33 5.85
C ASP B 272 -30.35 20.24 4.60
N LEU B 273 -31.52 19.64 4.73
CA LEU B 273 -32.43 19.48 3.60
C LEU B 273 -32.78 20.80 2.94
N GLN B 274 -32.60 21.90 3.66
CA GLN B 274 -32.91 23.23 3.14
C GLN B 274 -31.76 23.88 2.39
N GLY B 275 -30.65 23.16 2.27
CA GLY B 275 -29.51 23.71 1.54
C GLY B 275 -28.56 24.58 2.35
N ASN B 276 -28.77 24.66 3.65
CA ASN B 276 -27.90 25.45 4.50
C ASN B 276 -26.71 24.62 4.92
N LEU B 277 -25.53 25.23 4.90
CA LEU B 277 -24.32 24.53 5.33
C LEU B 277 -23.99 25.16 6.69
N TRP B 278 -24.18 24.37 7.74
CA TRP B 278 -23.94 24.82 9.11
C TRP B 278 -22.58 24.41 9.66
N ARG B 279 -22.09 25.19 10.61
CA ARG B 279 -20.85 24.86 11.28
C ARG B 279 -21.20 24.91 12.77
N PHE B 280 -20.56 24.03 13.53
CA PHE B 280 -20.81 23.95 14.97
C PHE B 280 -19.47 24.05 15.67
N ASP B 281 -19.40 24.86 16.73
CA ASP B 281 -18.16 25.01 17.49
C ASP B 281 -18.13 23.90 18.53
N LEU B 282 -17.10 23.06 18.49
CA LEU B 282 -17.01 21.97 19.45
C LEU B 282 -15.86 22.23 20.42
N ILE B 283 -15.67 23.50 20.73
CA ILE B 283 -14.62 23.94 21.65
C ILE B 283 -15.25 24.84 22.70
N ALA B 284 -14.53 25.08 23.79
CA ALA B 284 -15.03 25.92 24.87
C ALA B 284 -15.30 27.35 24.40
N GLY B 285 -16.15 28.05 25.14
CA GLY B 285 -16.47 29.42 24.80
C GLY B 285 -15.30 30.32 25.13
N LYS B 286 -14.68 30.09 26.27
CA LYS B 286 -13.53 30.88 26.72
C LYS B 286 -12.26 30.27 26.15
N VAL B 287 -11.92 30.66 24.94
CA VAL B 287 -10.74 30.15 24.24
C VAL B 287 -9.49 31.02 24.42
N ASN B 288 -8.33 30.36 24.41
CA ASN B 288 -7.06 31.06 24.54
C ASN B 288 -6.48 31.28 23.14
N GLN B 289 -6.63 32.50 22.65
CA GLN B 289 -6.17 32.91 21.32
C GLN B 289 -4.81 32.35 20.88
N ASP B 290 -3.93 32.03 21.83
CA ASP B 290 -2.63 31.48 21.47
C ASP B 290 -2.68 29.98 21.20
N ASP B 291 -3.70 29.32 21.73
CA ASP B 291 -3.88 27.89 21.54
C ASP B 291 -5.38 27.58 21.68
N PRO B 292 -6.20 28.10 20.76
CA PRO B 292 -7.64 27.87 20.80
C PRO B 292 -8.07 26.41 20.82
N PHE B 293 -7.29 25.55 20.18
CA PHE B 293 -7.63 24.13 20.11
C PHE B 293 -6.94 23.29 21.18
N SER B 294 -6.35 23.96 22.16
CA SER B 294 -5.68 23.26 23.25
C SER B 294 -6.62 22.29 23.97
N ARG B 295 -6.04 21.21 24.47
CA ARG B 295 -6.79 20.20 25.20
C ARG B 295 -6.69 20.38 26.71
N ALA B 296 -5.93 21.38 27.13
CA ALA B 296 -5.72 21.63 28.56
C ALA B 296 -6.97 21.64 29.42
N ASN B 297 -8.03 22.27 28.92
CA ASN B 297 -9.27 22.35 29.66
C ASN B 297 -10.35 21.36 29.24
N ASP B 298 -9.96 20.31 28.54
CA ASP B 298 -10.92 19.30 28.12
C ASP B 298 -11.58 18.63 29.31
N GLY B 299 -12.86 18.32 29.16
CA GLY B 299 -13.58 17.69 30.24
C GLY B 299 -15.07 17.87 30.03
N PRO B 300 -15.91 17.24 30.87
CA PRO B 300 -17.36 17.37 30.74
C PRO B 300 -17.85 18.81 30.72
N ALA B 301 -17.11 19.73 31.33
CA ALA B 301 -17.53 21.14 31.37
C ALA B 301 -17.59 21.78 29.97
N VAL B 302 -16.83 21.22 29.02
CA VAL B 302 -16.80 21.78 27.67
C VAL B 302 -18.05 21.50 26.84
N ALA B 303 -18.74 20.40 27.13
CA ALA B 303 -19.94 20.03 26.38
C ALA B 303 -21.00 21.13 26.34
N SER B 304 -21.19 21.84 27.47
CA SER B 304 -22.19 22.88 27.52
C SER B 304 -21.86 24.05 26.59
N SER B 305 -20.59 24.22 26.26
CA SER B 305 -20.21 25.32 25.37
C SER B 305 -20.34 24.99 23.88
N PHE B 306 -20.57 23.72 23.54
CA PHE B 306 -20.75 23.34 22.13
C PHE B 306 -21.93 24.19 21.63
N ARG B 307 -21.82 24.71 20.42
CA ARG B 307 -22.87 25.59 19.91
C ARG B 307 -22.84 25.72 18.39
N VAL B 308 -23.90 26.31 17.85
CA VAL B 308 -23.98 26.58 16.42
C VAL B 308 -23.08 27.79 16.22
N SER B 309 -22.21 27.75 15.23
CA SER B 309 -21.30 28.86 14.98
C SER B 309 -22.01 30.04 14.32
N PHE B 310 -21.27 31.13 14.18
CA PHE B 310 -21.77 32.33 13.50
C PHE B 310 -23.07 32.87 14.06
N GLY B 311 -23.26 32.75 15.37
CA GLY B 311 -24.46 33.26 15.99
C GLY B 311 -25.74 32.65 15.46
N GLY B 312 -25.67 31.41 14.98
CA GLY B 312 -26.87 30.76 14.46
C GLY B 312 -27.08 30.90 12.96
N GLN B 313 -26.16 31.54 12.28
CA GLN B 313 -26.26 31.69 10.83
C GLN B 313 -25.47 30.59 10.12
N PRO B 314 -26.01 30.07 9.01
CA PRO B 314 -25.26 29.02 8.30
C PRO B 314 -24.06 29.63 7.59
N LEU B 315 -23.07 28.80 7.29
CA LEU B 315 -21.89 29.30 6.58
C LEU B 315 -22.35 29.77 5.22
N TYR B 316 -23.28 29.01 4.64
CA TYR B 316 -23.78 29.31 3.31
C TYR B 316 -25.14 28.66 3.12
N SER B 317 -25.92 29.21 2.19
CA SER B 317 -27.23 28.64 1.89
C SER B 317 -27.25 28.39 0.39
N ALA B 318 -27.25 27.11 0.02
CA ALA B 318 -27.23 26.71 -1.37
C ALA B 318 -28.56 26.81 -2.11
N VAL B 319 -28.53 27.57 -3.21
CA VAL B 319 -29.70 27.74 -4.08
C VAL B 319 -29.21 27.50 -5.51
N ASP B 320 -30.06 26.91 -6.34
CA ASP B 320 -29.64 26.66 -7.72
C ASP B 320 -29.58 27.99 -8.46
N SER B 321 -29.19 27.93 -9.72
CA SER B 321 -29.08 29.11 -10.56
C SER B 321 -30.39 29.87 -10.73
N ALA B 322 -31.50 29.21 -10.42
CA ALA B 322 -32.82 29.83 -10.52
C ALA B 322 -33.34 30.33 -9.17
N GLY B 323 -32.50 30.23 -8.13
CA GLY B 323 -32.89 30.69 -6.81
C GLY B 323 -33.60 29.70 -5.90
N ALA B 324 -33.73 28.45 -6.34
CA ALA B 324 -34.40 27.43 -5.53
C ALA B 324 -33.40 26.69 -4.62
N ALA B 325 -33.81 26.45 -3.38
CA ALA B 325 -32.97 25.77 -2.40
C ALA B 325 -32.49 24.39 -2.86
N GLN B 326 -31.23 24.08 -2.61
CA GLN B 326 -30.66 22.79 -2.99
C GLN B 326 -30.28 21.98 -1.75
N ALA B 327 -30.98 20.87 -1.54
CA ALA B 327 -30.71 20.02 -0.39
C ALA B 327 -29.26 19.54 -0.37
N ILE B 328 -28.72 19.38 0.83
CA ILE B 328 -27.36 18.89 0.99
C ILE B 328 -27.48 17.60 1.79
N THR B 329 -27.09 16.48 1.17
CA THR B 329 -27.18 15.18 1.82
C THR B 329 -25.81 14.62 2.21
N ALA B 330 -24.82 14.79 1.33
CA ALA B 330 -23.50 14.28 1.60
C ALA B 330 -22.73 15.15 2.58
N ALA B 331 -21.74 14.55 3.24
CA ALA B 331 -20.94 15.28 4.20
C ALA B 331 -20.02 16.22 3.42
N PRO B 332 -19.66 17.37 4.02
CA PRO B 332 -18.77 18.32 3.36
C PRO B 332 -17.35 17.75 3.44
N SER B 333 -16.40 18.41 2.78
CA SER B 333 -15.00 18.00 2.84
C SER B 333 -14.26 19.31 3.04
N LEU B 334 -13.22 19.27 3.87
CA LEU B 334 -12.47 20.48 4.16
C LEU B 334 -11.06 20.47 3.58
N VAL B 335 -10.64 21.61 3.05
CA VAL B 335 -9.31 21.76 2.47
C VAL B 335 -8.77 23.11 2.94
N ARG B 336 -7.58 23.10 3.53
CA ARG B 336 -6.98 24.33 4.02
C ARG B 336 -6.90 25.34 2.87
N HIS B 337 -7.27 26.57 3.14
CA HIS B 337 -7.23 27.60 2.12
C HIS B 337 -5.78 27.83 1.68
N PRO B 338 -5.55 28.12 0.39
CA PRO B 338 -4.19 28.36 -0.12
C PRO B 338 -3.42 29.41 0.69
N THR B 339 -4.17 30.35 1.27
CA THR B 339 -3.58 31.41 2.09
C THR B 339 -3.22 30.90 3.48
N ARG B 340 -3.67 29.69 3.79
CA ARG B 340 -3.43 29.07 5.09
C ARG B 340 -4.32 29.73 6.14
N LYS B 341 -5.05 30.78 5.77
CA LYS B 341 -6.09 31.33 6.65
C LYS B 341 -7.48 30.80 6.31
N GLY B 342 -8.02 30.08 7.24
CA GLY B 342 -9.34 29.48 7.06
C GLY B 342 -9.30 28.21 6.22
N TYR B 343 -10.48 27.69 5.93
CA TYR B 343 -10.62 26.47 5.13
C TYR B 343 -11.66 26.62 4.05
N ILE B 344 -11.49 25.85 2.98
CA ILE B 344 -12.44 25.84 1.89
C ILE B 344 -13.39 24.69 2.24
N VAL B 345 -14.65 25.02 2.46
CA VAL B 345 -15.65 24.03 2.81
C VAL B 345 -16.33 23.60 1.50
N ILE B 346 -16.02 22.38 1.08
CA ILE B 346 -16.57 21.84 -0.16
C ILE B 346 -17.75 20.94 0.10
N PHE B 347 -18.86 21.23 -0.57
CA PHE B 347 -20.05 20.41 -0.39
C PHE B 347 -20.84 20.33 -1.68
N GLY B 348 -21.46 19.17 -1.89
CA GLY B 348 -22.26 18.96 -3.07
C GLY B 348 -23.72 18.93 -2.70
N THR B 349 -24.56 19.19 -3.68
CA THR B 349 -25.98 19.26 -3.49
C THR B 349 -26.74 18.07 -4.08
N GLY B 350 -27.84 17.70 -3.44
CA GLY B 350 -28.65 16.58 -3.90
C GLY B 350 -29.25 15.75 -2.78
N LYS B 351 -30.20 14.88 -3.12
CA LYS B 351 -30.83 14.01 -2.13
C LYS B 351 -31.42 12.78 -2.83
N TYR B 352 -31.42 11.65 -2.12
CA TYR B 352 -31.87 10.39 -2.71
C TYR B 352 -32.47 9.45 -1.66
N PHE B 353 -33.10 9.99 -0.62
CA PHE B 353 -33.66 9.14 0.42
C PHE B 353 -35.16 8.90 0.30
N GLU B 354 -35.83 9.72 -0.51
CA GLU B 354 -37.27 9.59 -0.72
C GLU B 354 -37.55 8.91 -2.06
N ASN B 355 -38.66 8.18 -2.11
CA ASN B 355 -39.05 7.45 -3.31
C ASN B 355 -39.11 8.33 -4.55
N ALA B 356 -39.58 9.56 -4.40
CA ALA B 356 -39.67 10.48 -5.52
C ALA B 356 -38.29 10.82 -6.07
N ASP B 357 -37.26 10.68 -5.24
CA ASP B 357 -35.90 10.97 -5.66
C ASP B 357 -35.36 10.00 -6.69
N ALA B 358 -36.01 8.83 -6.80
CA ALA B 358 -35.58 7.83 -7.77
C ALA B 358 -35.67 8.43 -9.17
N ARG B 359 -36.50 9.44 -9.31
CA ARG B 359 -36.69 10.13 -10.58
C ARG B 359 -35.71 11.28 -10.70
N ALA B 360 -35.13 11.43 -11.90
CA ALA B 360 -34.17 12.51 -12.13
C ALA B 360 -34.90 13.85 -12.17
N ASP B 361 -34.33 14.84 -11.49
CA ASP B 361 -34.93 16.18 -11.47
C ASP B 361 -34.19 17.02 -12.51
N THR B 362 -34.76 17.06 -13.71
CA THR B 362 -34.17 17.80 -14.81
C THR B 362 -34.60 19.27 -14.91
N SER B 363 -35.25 19.77 -13.87
CA SER B 363 -35.71 21.16 -13.88
C SER B 363 -34.61 22.14 -13.47
N ARG B 364 -33.65 21.65 -12.71
CA ARG B 364 -32.56 22.50 -12.25
C ARG B 364 -31.26 21.70 -12.16
N ALA B 365 -30.16 22.40 -12.00
CA ALA B 365 -28.86 21.76 -11.88
C ALA B 365 -28.43 21.73 -10.41
N GLN B 366 -27.96 20.58 -9.96
CA GLN B 366 -27.47 20.47 -8.59
C GLN B 366 -26.09 21.10 -8.67
N THR B 367 -25.45 21.35 -7.55
CA THR B 367 -24.18 22.04 -7.60
C THR B 367 -23.15 21.58 -6.57
N LEU B 368 -21.89 21.87 -6.88
CA LEU B 368 -20.77 21.55 -5.99
C LEU B 368 -20.23 22.92 -5.62
N TYR B 369 -20.07 23.17 -4.32
CA TYR B 369 -19.56 24.46 -3.85
C TYR B 369 -18.30 24.35 -3.04
N GLY B 370 -17.51 25.41 -3.12
CA GLY B 370 -16.28 25.53 -2.35
C GLY B 370 -16.44 26.87 -1.67
N ILE B 371 -16.78 26.88 -0.38
CA ILE B 371 -16.98 28.13 0.35
C ILE B 371 -15.89 28.39 1.39
N TRP B 372 -15.35 29.59 1.35
CA TRP B 372 -14.29 29.97 2.26
C TRP B 372 -14.76 30.33 3.67
N ASP B 373 -14.37 29.52 4.64
CA ASP B 373 -14.69 29.82 6.04
C ASP B 373 -13.38 30.41 6.55
N GLN B 374 -13.36 31.73 6.77
CA GLN B 374 -12.17 32.42 7.21
C GLN B 374 -12.01 32.51 8.73
N GLN B 375 -12.92 31.90 9.47
CA GLN B 375 -12.86 31.97 10.92
C GLN B 375 -12.74 30.58 11.52
N THR B 376 -11.64 29.90 11.20
CA THR B 376 -11.41 28.54 11.66
C THR B 376 -10.24 28.41 12.62
N LYS B 377 -9.91 29.49 13.32
CA LYS B 377 -8.80 29.43 14.26
C LYS B 377 -9.22 29.77 15.69
N GLY B 378 -10.40 29.28 16.07
CA GLY B 378 -10.91 29.53 17.41
C GLY B 378 -11.52 30.89 17.67
N GLU B 379 -11.65 31.72 16.64
CA GLU B 379 -12.23 33.05 16.85
C GLU B 379 -13.67 32.87 17.33
N ALA B 380 -14.17 33.86 18.06
CA ALA B 380 -15.54 33.81 18.56
C ALA B 380 -16.47 33.55 17.38
N ALA B 381 -16.19 34.23 16.27
CA ALA B 381 -16.97 34.08 15.05
C ALA B 381 -18.47 34.19 15.34
N GLY B 382 -18.87 35.34 15.88
CA GLY B 382 -20.27 35.56 16.20
C GLY B 382 -21.12 35.76 14.95
N SER B 383 -20.45 35.88 13.81
CA SER B 383 -21.15 36.05 12.54
C SER B 383 -20.28 35.54 11.41
N THR B 384 -20.85 35.55 10.21
CA THR B 384 -20.14 35.11 9.03
C THR B 384 -20.75 35.83 7.83
N PRO B 385 -19.94 36.11 6.79
CA PRO B 385 -20.39 36.81 5.59
C PRO B 385 -21.57 36.14 4.88
N ARG B 386 -22.56 36.94 4.49
CA ARG B 386 -23.70 36.39 3.78
C ARG B 386 -23.24 36.29 2.32
N LEU B 387 -23.24 35.07 1.79
CA LEU B 387 -22.78 34.84 0.43
C LEU B 387 -23.81 34.24 -0.54
N THR B 388 -23.54 34.45 -1.83
CA THR B 388 -24.38 33.93 -2.91
C THR B 388 -23.44 33.57 -4.05
N ARG B 389 -23.97 32.98 -5.11
CA ARG B 389 -23.15 32.62 -6.27
C ARG B 389 -22.40 33.84 -6.77
N GLY B 390 -22.99 35.02 -6.58
CA GLY B 390 -22.38 36.26 -7.03
C GLY B 390 -21.01 36.56 -6.44
N ASN B 391 -20.74 36.03 -5.24
CA ASN B 391 -19.45 36.25 -4.61
C ASN B 391 -18.48 35.13 -4.95
N LEU B 392 -18.96 34.14 -5.71
CA LEU B 392 -18.15 32.98 -6.06
C LEU B 392 -17.75 32.92 -7.54
N GLN B 393 -16.66 32.21 -7.81
CA GLN B 393 -16.18 32.04 -9.18
C GLN B 393 -16.82 30.80 -9.77
N GLN B 394 -17.47 30.97 -10.92
CA GLN B 394 -18.12 29.86 -11.58
C GLN B 394 -17.15 28.96 -12.34
N GLN B 395 -17.51 27.68 -12.40
CA GLN B 395 -16.74 26.69 -13.15
C GLN B 395 -17.80 25.96 -13.94
N THR B 396 -17.42 25.36 -15.06
CA THR B 396 -18.38 24.65 -15.87
C THR B 396 -17.80 23.38 -16.48
N LEU B 397 -18.68 22.44 -16.81
CA LEU B 397 -18.28 21.21 -17.46
C LEU B 397 -18.51 21.58 -18.92
N ASP B 398 -17.42 21.81 -19.65
CA ASP B 398 -17.51 22.23 -21.04
C ASP B 398 -17.53 21.16 -22.11
N LEU B 399 -17.27 19.92 -21.75
CA LEU B 399 -17.25 18.88 -22.77
C LEU B 399 -17.31 17.48 -22.23
N GLN B 400 -18.07 16.62 -22.91
CA GLN B 400 -18.17 15.22 -22.55
C GLN B 400 -17.90 14.48 -23.85
N ALA B 401 -17.03 13.49 -23.79
CA ALA B 401 -16.71 12.74 -24.99
C ALA B 401 -16.19 11.36 -24.66
N ASP B 402 -16.28 10.48 -25.65
CA ASP B 402 -15.79 9.11 -25.51
C ASP B 402 -14.40 9.15 -26.09
N SER B 403 -13.46 8.49 -25.43
CA SER B 403 -12.09 8.45 -25.89
C SER B 403 -11.45 7.15 -25.45
N THR B 404 -10.22 6.93 -25.89
CA THR B 404 -9.51 5.72 -25.51
C THR B 404 -8.18 6.11 -24.91
N PHE B 405 -7.93 5.64 -23.70
CA PHE B 405 -6.69 5.92 -23.00
C PHE B 405 -5.95 4.58 -22.99
N ALA B 406 -4.84 4.54 -23.72
CA ALA B 406 -4.07 3.32 -23.89
C ALA B 406 -5.04 2.42 -24.66
N SER B 407 -5.48 1.32 -24.06
CA SER B 407 -6.41 0.44 -24.76
C SER B 407 -7.74 0.39 -24.03
N THR B 408 -7.95 1.33 -23.11
CA THR B 408 -9.19 1.37 -22.35
C THR B 408 -10.11 2.50 -22.79
N ALA B 409 -11.30 2.12 -23.24
CA ALA B 409 -12.29 3.08 -23.70
C ALA B 409 -13.00 3.69 -22.48
N ARG B 410 -13.20 5.01 -22.52
CA ARG B 410 -13.88 5.70 -21.42
C ARG B 410 -14.53 6.98 -21.91
N THR B 411 -15.68 7.30 -21.33
CA THR B 411 -16.38 8.52 -21.66
C THR B 411 -16.01 9.48 -20.54
N ILE B 412 -15.46 10.63 -20.91
CA ILE B 412 -15.00 11.60 -19.93
C ILE B 412 -15.64 12.98 -20.06
N ARG B 413 -15.26 13.87 -19.15
CA ARG B 413 -15.75 15.25 -19.15
C ARG B 413 -14.58 16.17 -18.83
N ILE B 414 -14.58 17.33 -19.47
CA ILE B 414 -13.55 18.32 -19.25
C ILE B 414 -14.18 19.51 -18.53
N ALA B 415 -13.52 20.00 -17.50
CA ALA B 415 -14.04 21.13 -16.74
C ALA B 415 -13.23 22.37 -17.03
N SER B 416 -13.84 23.53 -16.78
CA SER B 416 -13.18 24.80 -16.98
C SER B 416 -12.06 24.94 -15.96
N GLN B 417 -11.21 25.94 -16.15
CA GLN B 417 -10.11 26.18 -15.23
C GLN B 417 -10.01 27.68 -14.92
N ASN B 418 -11.12 28.24 -14.46
CA ASN B 418 -11.18 29.66 -14.12
C ASN B 418 -10.52 29.88 -12.77
N PRO B 419 -9.60 30.86 -12.68
CA PRO B 419 -8.93 31.13 -11.42
C PRO B 419 -9.86 31.79 -10.41
N VAL B 420 -9.50 31.69 -9.13
CA VAL B 420 -10.29 32.30 -8.06
C VAL B 420 -9.47 33.44 -7.47
N ASN B 421 -10.05 34.64 -7.46
CA ASN B 421 -9.37 35.81 -6.91
C ASN B 421 -9.93 36.04 -5.52
N TRP B 422 -9.20 35.55 -4.51
CA TRP B 422 -9.62 35.64 -3.13
C TRP B 422 -9.49 36.97 -2.40
N LEU B 423 -8.34 37.64 -2.54
CA LEU B 423 -8.08 38.89 -1.82
C LEU B 423 -7.64 40.11 -2.62
N ASN B 424 -7.81 41.28 -2.01
CA ASN B 424 -7.41 42.56 -2.56
C ASN B 424 -5.99 42.79 -2.08
N ASN B 425 -5.37 43.88 -2.51
CA ASN B 425 -4.00 44.19 -2.10
C ASN B 425 -3.93 44.35 -0.58
N ASP B 426 -4.99 44.90 0.01
CA ASP B 426 -5.02 45.11 1.46
C ASP B 426 -5.67 44.00 2.27
N GLY B 427 -5.74 42.81 1.70
CA GLY B 427 -6.32 41.68 2.43
C GLY B 427 -7.83 41.58 2.42
N SER B 428 -8.51 42.53 1.78
CA SER B 428 -9.96 42.50 1.71
C SER B 428 -10.40 41.32 0.83
N THR B 429 -11.47 40.64 1.23
CA THR B 429 -11.98 39.49 0.51
C THR B 429 -12.73 39.83 -0.79
N LYS B 430 -12.28 39.24 -1.89
CA LYS B 430 -12.95 39.44 -3.18
C LYS B 430 -13.95 38.31 -3.33
N GLN B 431 -13.53 37.22 -3.97
CA GLN B 431 -14.40 36.07 -4.16
C GLN B 431 -14.23 35.16 -2.94
N SER B 432 -15.33 34.62 -2.44
CA SER B 432 -15.28 33.75 -1.26
C SER B 432 -15.32 32.27 -1.60
N GLY B 433 -15.09 31.93 -2.85
CA GLY B 433 -15.11 30.53 -3.22
C GLY B 433 -15.44 30.29 -4.67
N TRP B 434 -16.04 29.14 -4.93
CA TRP B 434 -16.40 28.74 -6.27
C TRP B 434 -17.59 27.80 -6.27
N TYR B 435 -18.11 27.54 -7.47
CA TYR B 435 -19.22 26.61 -7.62
C TYR B 435 -19.19 26.00 -9.02
N LEU B 436 -19.75 24.81 -9.12
CA LEU B 436 -19.81 24.07 -10.36
C LEU B 436 -21.16 23.37 -10.43
N ASP B 437 -21.97 23.74 -11.42
CA ASP B 437 -23.27 23.11 -11.60
C ASP B 437 -23.07 21.79 -12.33
N PHE B 438 -23.65 20.73 -11.79
CA PHE B 438 -23.52 19.41 -12.39
C PHE B 438 -24.34 19.32 -13.67
N MET B 439 -23.75 19.84 -14.74
CA MET B 439 -24.37 19.85 -16.05
C MET B 439 -23.29 20.12 -17.10
N VAL B 440 -23.43 19.48 -18.26
CA VAL B 440 -22.48 19.68 -19.34
C VAL B 440 -23.11 20.62 -20.35
N ASN B 441 -22.49 21.78 -20.53
CA ASN B 441 -23.00 22.77 -21.47
C ASN B 441 -24.46 23.08 -21.18
N GLY B 442 -24.78 23.20 -19.90
CA GLY B 442 -26.14 23.52 -19.49
C GLY B 442 -27.23 22.46 -19.67
N THR B 443 -26.88 21.26 -20.11
CA THR B 443 -27.91 20.23 -20.28
C THR B 443 -28.19 19.61 -18.90
N LEU B 444 -29.44 19.73 -18.46
CA LEU B 444 -29.87 19.23 -17.16
C LEU B 444 -30.29 17.76 -17.20
N LYS B 445 -29.55 16.92 -16.48
CA LYS B 445 -29.87 15.50 -16.43
C LYS B 445 -30.28 15.05 -15.03
N GLY B 446 -30.18 15.97 -14.08
CA GLY B 446 -30.54 15.62 -12.71
C GLY B 446 -29.36 15.05 -11.95
N GLU B 447 -28.15 15.34 -12.43
CA GLU B 447 -26.94 14.85 -11.78
C GLU B 447 -26.84 15.50 -10.41
N MET B 448 -26.57 14.69 -9.39
CA MET B 448 -26.47 15.21 -8.03
C MET B 448 -25.48 14.43 -7.18
N LEU B 449 -25.02 15.07 -6.11
CA LEU B 449 -24.07 14.46 -5.20
C LEU B 449 -24.78 13.98 -3.95
N ILE B 450 -24.69 12.68 -3.66
CA ILE B 450 -25.30 12.14 -2.46
C ILE B 450 -24.27 11.31 -1.71
N GLU B 451 -23.07 11.20 -2.28
CA GLU B 451 -21.99 10.43 -1.67
C GLU B 451 -20.89 11.33 -1.12
N ASP B 452 -20.30 10.91 0.00
CA ASP B 452 -19.22 11.65 0.62
C ASP B 452 -18.05 11.77 -0.34
N MET B 453 -17.29 12.85 -0.22
CA MET B 453 -16.16 13.09 -1.09
C MET B 453 -14.85 12.80 -0.35
N ILE B 454 -13.76 12.77 -1.10
CA ILE B 454 -12.45 12.51 -0.52
C ILE B 454 -11.46 13.56 -0.98
N ALA B 455 -10.99 14.37 -0.04
CA ALA B 455 -10.02 15.42 -0.34
C ALA B 455 -8.66 14.92 0.10
N ILE B 456 -7.73 14.81 -0.85
CA ILE B 456 -6.39 14.34 -0.56
C ILE B 456 -5.41 15.17 -1.37
N GLY B 457 -4.34 15.62 -0.72
CA GLY B 457 -3.35 16.42 -1.41
C GLY B 457 -3.99 17.67 -1.98
N GLN B 458 -3.83 17.88 -3.29
CA GLN B 458 -4.39 19.05 -3.95
C GLN B 458 -5.54 18.66 -4.87
N VAL B 459 -6.35 17.70 -4.44
CA VAL B 459 -7.46 17.25 -5.24
C VAL B 459 -8.64 16.84 -4.36
N VAL B 460 -9.85 17.02 -4.90
CA VAL B 460 -11.02 16.59 -4.18
C VAL B 460 -11.66 15.60 -5.14
N LEU B 461 -11.89 14.38 -4.65
CA LEU B 461 -12.47 13.32 -5.44
C LEU B 461 -13.92 13.18 -5.04
N LEU B 462 -14.80 13.05 -6.03
CA LEU B 462 -16.22 12.93 -5.75
C LEU B 462 -16.91 12.10 -6.81
N GLN B 463 -18.07 11.58 -6.45
CA GLN B 463 -18.86 10.77 -7.36
C GLN B 463 -20.30 11.25 -7.30
N THR B 464 -20.87 11.54 -8.45
CA THR B 464 -22.25 11.98 -8.51
C THR B 464 -23.08 10.84 -9.08
N ILE B 465 -24.40 10.95 -8.91
CA ILE B 465 -25.28 9.94 -9.44
C ILE B 465 -26.31 10.63 -10.33
N THR B 466 -26.62 10.02 -11.46
CA THR B 466 -27.60 10.57 -12.38
C THR B 466 -28.69 9.51 -12.56
N PRO B 467 -29.83 9.70 -11.87
CA PRO B 467 -30.96 8.76 -11.94
C PRO B 467 -31.56 8.65 -13.34
N ASN B 468 -32.38 7.61 -13.53
CA ASN B 468 -33.08 7.35 -14.80
C ASN B 468 -33.44 5.88 -14.93
N ALA B 476 -29.23 4.06 -12.94
CA ALA B 476 -28.57 5.32 -12.62
C ALA B 476 -27.14 5.33 -13.16
N SER B 477 -26.61 6.53 -13.40
CA SER B 477 -25.25 6.66 -13.92
C SER B 477 -24.34 7.36 -12.92
N ASN B 478 -23.14 6.82 -12.75
CA ASN B 478 -22.16 7.38 -11.82
C ASN B 478 -21.04 8.11 -12.54
N TRP B 479 -20.70 9.29 -12.04
CA TRP B 479 -19.61 10.09 -12.60
C TRP B 479 -18.62 10.42 -11.51
N THR B 480 -17.37 10.04 -11.71
CA THR B 480 -16.33 10.31 -10.74
C THR B 480 -15.51 11.50 -11.19
N TYR B 481 -15.31 12.45 -10.29
CA TYR B 481 -14.54 13.66 -10.61
C TYR B 481 -13.33 13.84 -9.72
N GLY B 482 -12.31 14.46 -10.29
CA GLY B 482 -11.09 14.78 -9.58
C GLY B 482 -10.93 16.25 -9.90
N LEU B 483 -11.26 17.12 -8.95
CA LEU B 483 -11.18 18.55 -9.18
C LEU B 483 -10.22 19.26 -8.25
N ASP B 484 -9.83 20.47 -8.66
CA ASP B 484 -8.93 21.29 -7.88
C ASP B 484 -9.81 21.90 -6.78
N PRO B 485 -9.49 21.59 -5.51
CA PRO B 485 -10.28 22.11 -4.38
C PRO B 485 -10.19 23.62 -4.20
N TYR B 486 -9.10 24.21 -4.67
CA TYR B 486 -8.89 25.65 -4.53
C TYR B 486 -9.66 26.48 -5.56
N THR B 487 -10.27 25.81 -6.53
CA THR B 487 -10.97 26.56 -7.56
C THR B 487 -12.21 25.86 -8.09
N GLY B 488 -12.35 24.57 -7.77
CA GLY B 488 -13.49 23.80 -8.24
C GLY B 488 -13.37 23.45 -9.72
N GLY B 489 -12.27 23.86 -10.34
CA GLY B 489 -12.07 23.59 -11.75
C GLY B 489 -11.08 22.48 -12.03
N ARG B 490 -10.60 22.43 -13.26
CA ARG B 490 -9.65 21.42 -13.69
C ARG B 490 -8.29 21.56 -13.00
N THR B 491 -7.75 20.45 -12.54
CA THR B 491 -6.44 20.46 -11.91
C THR B 491 -5.45 20.70 -13.04
N SER B 492 -4.28 21.21 -12.69
CA SER B 492 -3.24 21.48 -13.67
C SER B 492 -2.40 20.22 -13.89
N PHE B 493 -2.76 19.15 -13.18
CA PHE B 493 -2.05 17.88 -13.29
C PHE B 493 -3.02 16.71 -13.47
N THR B 494 -2.52 15.62 -14.05
CA THR B 494 -3.35 14.43 -14.28
C THR B 494 -3.73 13.81 -12.95
N VAL B 495 -5.02 13.57 -12.76
CA VAL B 495 -5.51 12.99 -11.52
C VAL B 495 -5.72 11.48 -11.59
N PHE B 496 -6.49 11.04 -12.59
CA PHE B 496 -6.82 9.64 -12.76
C PHE B 496 -5.97 8.87 -13.76
N ASP B 497 -5.76 7.58 -13.47
CA ASP B 497 -5.05 6.71 -14.39
C ASP B 497 -6.20 6.06 -15.13
N LEU B 498 -6.63 6.68 -16.21
CA LEU B 498 -7.74 6.17 -16.99
C LEU B 498 -7.30 5.08 -17.96
N ALA B 499 -5.99 4.95 -18.14
CA ALA B 499 -5.43 3.97 -19.07
C ALA B 499 -5.08 2.62 -18.44
N ARG B 500 -5.40 2.44 -17.17
CA ARG B 500 -5.10 1.19 -16.47
C ARG B 500 -3.61 0.86 -16.55
N GLN B 501 -2.77 1.87 -16.39
CA GLN B 501 -1.33 1.70 -16.44
C GLN B 501 -0.77 1.27 -15.09
N GLY B 502 -1.59 1.41 -14.04
CA GLY B 502 -1.12 1.05 -12.71
C GLY B 502 -0.51 2.29 -12.08
N VAL B 503 -0.27 3.29 -12.92
CA VAL B 503 0.29 4.56 -12.49
C VAL B 503 -0.35 5.66 -13.31
N VAL B 504 -0.35 6.87 -12.78
CA VAL B 504 -0.92 8.02 -13.46
C VAL B 504 0.10 8.68 -14.38
N ASP B 505 -0.11 8.56 -15.69
CA ASP B 505 0.79 9.19 -16.64
C ASP B 505 0.03 9.87 -17.79
N SER B 506 0.77 10.50 -18.70
CA SER B 506 0.18 11.21 -19.82
C SER B 506 -0.81 10.38 -20.64
N LYS B 507 -0.70 9.06 -20.56
CA LYS B 507 -1.62 8.19 -21.30
C LYS B 507 -3.07 8.44 -20.91
N SER B 508 -3.27 9.04 -19.73
CA SER B 508 -4.62 9.32 -19.23
C SER B 508 -5.11 10.72 -19.53
N ASP B 509 -4.24 11.55 -20.10
CA ASP B 509 -4.64 12.91 -20.44
C ASP B 509 -5.44 12.95 -21.73
N TYR B 510 -6.10 14.09 -21.95
CA TYR B 510 -6.95 14.27 -23.10
C TYR B 510 -6.59 15.53 -23.89
N SER B 511 -6.72 15.45 -25.22
CA SER B 511 -6.40 16.59 -26.07
C SER B 511 -7.62 17.48 -26.19
N TYR B 512 -7.58 18.62 -25.51
CA TYR B 512 -8.69 19.57 -25.51
C TYR B 512 -8.30 20.80 -26.32
N ASN B 513 -8.90 20.94 -27.49
CA ASN B 513 -8.62 22.06 -28.38
C ASN B 513 -7.15 22.02 -28.81
N LYS B 514 -6.64 20.82 -29.06
CA LYS B 514 -5.25 20.63 -29.47
C LYS B 514 -4.26 20.99 -28.37
N GLN B 515 -4.64 20.71 -27.13
CA GLN B 515 -3.79 20.95 -25.97
C GLN B 515 -4.02 19.81 -24.98
N ASN B 516 -2.95 19.27 -24.42
CA ASN B 516 -3.09 18.19 -23.45
C ASN B 516 -3.61 18.78 -22.16
N VAL B 517 -4.70 18.23 -21.66
CA VAL B 517 -5.31 18.73 -20.45
C VAL B 517 -5.76 17.56 -19.58
N ALA B 518 -5.75 17.75 -18.26
CA ALA B 518 -6.18 16.70 -17.35
C ALA B 518 -7.68 16.47 -17.49
N VAL B 519 -8.11 15.22 -17.35
CA VAL B 519 -9.52 14.87 -17.42
C VAL B 519 -10.07 15.00 -16.01
N SER B 520 -11.16 15.73 -15.86
CA SER B 520 -11.74 15.95 -14.54
C SER B 520 -12.81 14.94 -14.16
N GLY B 521 -13.50 14.38 -15.14
CA GLY B 521 -14.53 13.42 -14.84
C GLY B 521 -14.55 12.22 -15.78
N THR B 522 -15.04 11.09 -15.28
CA THR B 522 -15.16 9.88 -16.07
C THR B 522 -16.35 9.07 -15.55
N GLU B 523 -17.08 8.46 -16.48
CA GLU B 523 -18.26 7.67 -16.12
C GLU B 523 -17.92 6.31 -15.54
N GLN B 524 -18.55 6.00 -14.42
CA GLN B 524 -18.33 4.74 -13.71
C GLN B 524 -19.47 3.76 -13.95
N LYS B 525 -19.21 2.48 -13.73
CA LYS B 525 -20.22 1.44 -13.92
C LYS B 525 -21.19 1.49 -12.74
N GLY B 526 -21.99 2.55 -12.71
CA GLY B 526 -22.96 2.76 -11.65
C GLY B 526 -23.38 1.55 -10.83
N LEU B 527 -22.90 1.48 -9.59
CA LEU B 527 -23.24 0.38 -8.69
C LEU B 527 -22.52 0.51 -7.35
N GLY B 528 -21.67 1.53 -7.21
CA GLY B 528 -20.94 1.69 -5.97
C GLY B 528 -20.78 3.12 -5.46
N GLY B 529 -19.85 3.29 -4.54
CA GLY B 529 -19.57 4.59 -3.96
C GLY B 529 -18.10 4.93 -4.11
N LEU B 530 -17.63 5.90 -3.33
CA LEU B 530 -16.23 6.30 -3.40
C LEU B 530 -15.43 5.87 -2.18
N THR B 531 -14.39 5.09 -2.41
CA THR B 531 -13.54 4.61 -1.33
C THR B 531 -12.08 4.82 -1.72
N LEU B 532 -11.30 5.34 -0.78
CA LEU B 532 -9.90 5.60 -1.02
C LEU B 532 -9.06 4.49 -0.38
N SER B 533 -8.14 3.93 -1.15
CA SER B 533 -7.28 2.88 -0.65
C SER B 533 -5.89 3.04 -1.24
N THR B 534 -4.98 2.15 -0.88
CA THR B 534 -3.63 2.20 -1.39
C THR B 534 -3.29 0.90 -2.10
N ASN B 535 -2.69 1.00 -3.27
CA ASN B 535 -2.31 -0.17 -4.04
C ASN B 535 -1.12 -0.84 -3.36
N GLU B 536 -0.70 -1.98 -3.89
CA GLU B 536 0.42 -2.72 -3.32
C GLU B 536 1.72 -1.92 -3.43
N GLN B 537 1.74 -0.93 -4.30
CA GLN B 537 2.91 -0.08 -4.47
C GLN B 537 2.85 1.19 -3.64
N GLY B 538 1.93 1.22 -2.67
CA GLY B 538 1.81 2.36 -1.79
C GLY B 538 1.26 3.66 -2.37
N ASN B 539 0.59 3.58 -3.51
CA ASN B 539 0.02 4.77 -4.15
C ASN B 539 -1.50 4.87 -3.97
N PRO B 540 -2.01 6.11 -3.88
CA PRO B 540 -3.44 6.39 -3.72
C PRO B 540 -4.26 5.72 -4.81
N GLU B 541 -5.40 5.16 -4.42
CA GLU B 541 -6.26 4.48 -5.36
C GLU B 541 -7.70 4.69 -4.94
N VAL B 542 -8.50 5.23 -5.85
CA VAL B 542 -9.91 5.47 -5.55
C VAL B 542 -10.72 4.40 -6.26
N CYS B 543 -11.52 3.66 -5.49
CA CYS B 543 -12.34 2.59 -6.05
C CYS B 543 -13.80 3.01 -6.09
N SER B 544 -14.52 2.51 -7.07
CA SER B 544 -15.92 2.83 -7.23
C SER B 544 -16.76 1.57 -7.42
N SER B 545 -16.51 0.57 -6.57
CA SER B 545 -17.24 -0.70 -6.65
C SER B 545 -17.36 -1.13 -8.11
N GLY B 546 -16.40 -1.93 -8.56
CA GLY B 546 -16.42 -2.38 -9.94
C GLY B 546 -15.12 -1.99 -10.61
N GLU B 547 -14.42 -1.01 -10.02
CA GLU B 547 -13.15 -0.56 -10.56
C GLU B 547 -12.43 0.44 -9.67
N CYS B 548 -11.11 0.29 -9.59
CA CYS B 548 -10.30 1.19 -8.79
C CYS B 548 -9.42 1.95 -9.78
N LEU B 549 -9.25 3.24 -9.55
CA LEU B 549 -8.43 4.05 -10.43
C LEU B 549 -7.31 4.66 -9.59
N THR B 550 -6.06 4.30 -9.90
CA THR B 550 -4.96 4.87 -9.14
C THR B 550 -5.04 6.37 -9.39
N VAL B 551 -4.80 7.17 -8.37
CA VAL B 551 -4.89 8.61 -8.52
C VAL B 551 -3.64 9.37 -8.11
N ASN B 552 -3.52 10.56 -8.66
CA ASN B 552 -2.39 11.43 -8.37
C ASN B 552 -2.90 12.64 -7.58
N PRO B 553 -2.67 12.62 -6.26
CA PRO B 553 -3.09 13.70 -5.36
C PRO B 553 -2.51 15.07 -5.70
N GLY B 554 -1.52 15.10 -6.58
CA GLY B 554 -0.91 16.36 -6.96
C GLY B 554 0.58 16.38 -6.69
N PRO B 555 1.33 17.29 -7.35
CA PRO B 555 2.78 17.40 -7.17
C PRO B 555 3.20 17.65 -5.72
CA CA C . 17.22 -4.35 -20.23
CA CA D . -8.18 19.45 17.52
#